data_6RQX
#
_entry.id   6RQX
#
_cell.length_a   58.004
_cell.length_b   116.439
_cell.length_c   147.363
_cell.angle_alpha   90.00
_cell.angle_beta   90.00
_cell.angle_gamma   90.00
#
_symmetry.space_group_name_H-M   'P 2 21 21'
#
loop_
_entity.id
_entity.type
_entity.pdbx_description
1 polymer 'Endoplasmic reticulum aminopeptidase 1'
2 polymer PSE-LYS-HIS-HIS-ALA-PHE-SER-PHE-LYS
3 branched alpha-L-fucopyranose-(1-3)-[2-acetamido-2-deoxy-beta-D-glucopyranose-(1-4)]2-acetamido-2-deoxy-beta-D-glucopyranose
4 branched alpha-D-mannopyranose-(1-3)-beta-D-mannopyranose-(1-4)-2-acetamido-2-deoxy-beta-D-glucopyranose-(1-4)-2-acetamido-2-deoxy-beta-D-glucopyranose
5 branched 2-acetamido-2-deoxy-beta-D-glucopyranose-(1-4)-2-acetamido-2-deoxy-beta-D-glucopyranose
6 non-polymer 2-acetamido-2-deoxy-beta-D-glucopyranose
7 non-polymer 'ZINC ION'
8 non-polymer 'THIOCYANATE ION'
9 non-polymer 1,2-ETHANEDIOL
10 non-polymer 'SODIUM ION'
11 non-polymer 'TRIETHYLENE GLYCOL'
12 water water
#
loop_
_entity_poly.entity_id
_entity_poly.type
_entity_poly.pdbx_seq_one_letter_code
_entity_poly.pdbx_strand_id
1 'polypeptide(L)'
;MVFLPLKWSLATMSFLLSSLLALLTVSTPSWCQSTEASPKRSDGTPFPWNKIRLPEYVIPVHYDLLIHANLTTLTFWGTT
KVEITASQPTSTIILHSHHLQISRATLRKGAGERLSEEPLQVLEHPRQEQIALLAPEPLLVGLPYTVVIHYAGNLSETFH
GFYKSTYRTKEGELRILASTQFEPTAARMAFPCFDEPAFKASFSIKIRREPRHLAISNMPLVKSVTVAEGLIEDHFDVTV
KMSTYLVAFIISDFESVSKITKSGVKVSVYAVPDKINQADYALDAAVTLLEFYEDYFSIPYPLPKQDLAAIPDFQSGAME
NWGLTTYRESALLFDAEKSSASSKLGITMTVAHELAHQWFGNLVTMEWWNDLWLNEGFAKFMEFVSVSVTHPELKVGDYF
FGKCFDAMEVDALNSSHPVSTPVENPAQIREMFDDVSYDKGACILNMLREYLSADAFKSGIVQYLQKHSYKNTKNEDLWD
SMASICPTDGVKGMDGFCSRSQHSSSSSHWHQEGVDVKTMMNTWTLQKGFPLITITVRGRNVHMKQEHYMKGSDGAPDTG
YLWHVPLTFITSKSDMVHRFLLKTKTDVLILPEEVEWIKFNVGMNGYYIVHYEDDGWDSLTGLLKGTHTAVSSNDRASLI
NNAFQLVSIGKLSIEKALDLSLYLKHETEIMPVFQGLNELIPMYKLMEKRDMNEVETQFKAFLIRLLRDLIDKQTWTDEG
SVSERMLRSQLLLLACVHNYQPCVQRAEGYFRKWKESNGNLSLPVDVTLAVFAVGAQSTEGWDFLYSKYQFSLSSTEKSQ
IEFALCRTQNKEKLQWLLDESFKGDKIKTQEFPQILTLIGRNPVGYPLAWQFLRKNWNKLVQKFELGSSSIAHMVMGTTN
QFSTRTRLEEVKGFFSSLKENGSQLRCVQQTIETIEENIGWMDKNFDKIRVWLQSEKL
;
A
2 'polypeptide(L)' (KF2)KHHAFSFK B
#
# COMPACT_ATOMS: atom_id res chain seq x y z
N PRO A 46 -11.95 -22.61 32.30
CA PRO A 46 -11.45 -21.38 32.95
C PRO A 46 -10.08 -20.96 32.41
N PHE A 47 -10.06 -20.20 31.32
CA PHE A 47 -8.79 -19.93 30.63
C PHE A 47 -7.89 -19.06 31.50
N PRO A 48 -6.63 -19.46 31.75
CA PRO A 48 -5.82 -18.80 32.79
C PRO A 48 -5.06 -17.55 32.33
N TRP A 49 -5.52 -16.90 31.25
CA TRP A 49 -4.89 -15.68 30.74
C TRP A 49 -5.97 -14.85 30.05
N ASN A 50 -6.10 -13.59 30.44
CA ASN A 50 -7.21 -12.79 29.94
C ASN A 50 -6.73 -11.53 29.24
N LYS A 51 -5.59 -11.61 28.55
CA LYS A 51 -5.07 -10.47 27.81
C LYS A 51 -4.71 -10.89 26.40
N ILE A 52 -4.91 -9.97 25.47
CA ILE A 52 -4.60 -10.25 24.07
C ILE A 52 -3.10 -10.45 23.87
N ARG A 53 -2.28 -9.62 24.51
CA ARG A 53 -0.84 -9.80 24.44
C ARG A 53 -0.41 -11.00 25.26
N LEU A 54 0.62 -11.70 24.78
CA LEU A 54 1.13 -12.88 25.45
C LEU A 54 1.89 -12.49 26.71
N PRO A 55 2.01 -13.42 27.66
CA PRO A 55 2.94 -13.20 28.78
C PRO A 55 4.32 -12.86 28.26
N GLU A 56 5.07 -12.08 29.04
CA GLU A 56 6.41 -11.69 28.64
C GLU A 56 7.48 -12.64 29.13
N TYR A 57 7.15 -13.57 30.03
CA TYR A 57 8.16 -14.29 30.79
C TYR A 57 8.41 -15.71 30.30
N VAL A 58 7.79 -16.11 29.19
CA VAL A 58 8.17 -17.34 28.49
C VAL A 58 8.61 -16.91 27.09
N ILE A 59 9.85 -17.26 26.72
CA ILE A 59 10.49 -16.77 25.50
C ILE A 59 10.91 -17.96 24.66
N PRO A 60 10.59 -18.00 23.38
CA PRO A 60 11.14 -19.04 22.49
C PRO A 60 12.52 -18.67 21.98
N VAL A 61 13.30 -19.70 21.68
CA VAL A 61 14.64 -19.53 21.13
C VAL A 61 14.69 -20.12 19.72
N HIS A 62 14.00 -21.24 19.52
CA HIS A 62 14.14 -21.98 18.28
C HIS A 62 12.88 -22.81 18.02
N TYR A 63 12.47 -22.84 16.77
CA TYR A 63 11.36 -23.68 16.34
C TYR A 63 11.84 -24.71 15.33
N ASP A 64 11.38 -25.95 15.50
CA ASP A 64 11.43 -26.93 14.42
C ASP A 64 10.00 -27.17 13.94
N LEU A 65 9.73 -26.86 12.68
CA LEU A 65 8.40 -26.94 12.11
C LEU A 65 8.40 -28.07 11.09
N LEU A 66 7.54 -29.05 11.30
CA LEU A 66 7.24 -30.06 10.30
C LEU A 66 5.85 -29.79 9.77
N ILE A 67 5.74 -29.66 8.45
CA ILE A 67 4.48 -29.41 7.79
C ILE A 67 4.27 -30.49 6.73
N HIS A 68 3.14 -31.17 6.78
CA HIS A 68 2.74 -32.17 5.80
C HIS A 68 1.41 -31.70 5.21
N ALA A 69 1.45 -31.14 4.02
CA ALA A 69 0.25 -30.61 3.37
C ALA A 69 -0.27 -31.62 2.37
N ASN A 70 -1.57 -31.57 2.10
CA ASN A 70 -2.18 -32.40 1.06
C ASN A 70 -3.05 -31.50 0.18
N LEU A 71 -2.62 -31.32 -1.07
CA LEU A 71 -3.27 -30.47 -2.05
C LEU A 71 -4.43 -31.16 -2.75
N THR A 72 -4.65 -32.44 -2.46
CA THR A 72 -5.85 -33.12 -2.93
C THR A 72 -6.99 -32.96 -1.93
N THR A 73 -6.75 -33.31 -0.67
CA THR A 73 -7.76 -33.16 0.37
C THR A 73 -7.76 -31.77 1.00
N LEU A 74 -6.74 -30.93 0.69
CA LEU A 74 -6.70 -29.54 1.15
C LEU A 74 -6.57 -29.45 2.67
N THR A 75 -5.77 -30.34 3.22
CA THR A 75 -5.52 -30.44 4.65
C THR A 75 -4.04 -30.35 4.90
N PHE A 76 -3.67 -30.15 6.16
CA PHE A 76 -2.26 -30.26 6.50
C PHE A 76 -2.14 -30.71 7.95
N TRP A 77 -1.04 -31.41 8.23
CA TRP A 77 -0.65 -31.85 9.55
C TRP A 77 0.65 -31.15 9.92
N GLY A 78 0.84 -30.90 11.20
CA GLY A 78 2.06 -30.26 11.66
C GLY A 78 2.54 -30.87 12.96
N THR A 79 3.86 -30.86 13.13
CA THR A 79 4.47 -31.05 14.43
C THR A 79 5.38 -29.86 14.66
N THR A 80 5.11 -29.12 15.73
CA THR A 80 5.91 -27.97 16.10
C THR A 80 6.68 -28.28 17.37
N LYS A 81 7.99 -28.05 17.33
CA LYS A 81 8.83 -28.16 18.52
C LYS A 81 9.40 -26.78 18.78
N VAL A 82 9.18 -26.26 19.98
CA VAL A 82 9.68 -24.92 20.29
C VAL A 82 10.48 -25.00 21.58
N GLU A 83 11.75 -24.59 21.50
CA GLU A 83 12.61 -24.50 22.66
C GLU A 83 12.33 -23.20 23.39
N ILE A 84 12.07 -23.27 24.69
CA ILE A 84 11.64 -22.11 25.46
C ILE A 84 12.44 -22.04 26.74
N THR A 85 12.45 -20.84 27.32
CA THR A 85 12.87 -20.63 28.70
C THR A 85 11.88 -19.68 29.37
N ALA A 86 11.74 -19.83 30.68
CA ALA A 86 10.86 -18.99 31.48
C ALA A 86 11.69 -18.19 32.47
N SER A 87 11.40 -16.89 32.57
CA SER A 87 12.02 -16.02 33.56
CA SER A 87 12.02 -16.03 33.56
C SER A 87 11.27 -15.99 34.88
N GLN A 88 10.03 -16.49 34.90
CA GLN A 88 9.22 -16.57 36.11
C GLN A 88 8.71 -17.99 36.25
N PRO A 89 8.64 -18.52 37.47
CA PRO A 89 8.06 -19.85 37.65
C PRO A 89 6.61 -19.84 37.19
N THR A 90 6.33 -20.57 36.13
CA THR A 90 4.96 -20.75 35.67
C THR A 90 4.72 -22.21 35.39
N SER A 91 3.49 -22.64 35.62
CA SER A 91 3.04 -23.96 35.22
CA SER A 91 3.04 -23.96 35.22
C SER A 91 2.16 -23.93 33.98
N THR A 92 2.00 -22.75 33.37
CA THR A 92 1.16 -22.55 32.21
C THR A 92 1.97 -21.86 31.12
N ILE A 93 1.84 -22.34 29.89
CA ILE A 93 2.44 -21.71 28.72
C ILE A 93 1.31 -21.26 27.80
N ILE A 94 1.21 -19.95 27.59
CA ILE A 94 0.25 -19.37 26.67
C ILE A 94 0.94 -19.12 25.35
N LEU A 95 0.33 -19.56 24.26
CA LEU A 95 0.81 -19.11 22.95
C LEU A 95 -0.38 -19.04 21.99
N HIS A 96 -0.07 -18.65 20.76
CA HIS A 96 -1.10 -18.37 19.77
C HIS A 96 -1.39 -19.61 18.94
N SER A 97 -2.67 -19.80 18.63
CA SER A 97 -3.11 -20.87 17.75
C SER A 97 -4.51 -20.49 17.29
N HIS A 98 -4.77 -20.58 16.00
CA HIS A 98 -6.03 -20.12 15.43
C HIS A 98 -6.48 -21.12 14.38
N HIS A 99 -7.60 -21.80 14.63
CA HIS A 99 -8.17 -22.75 13.66
C HIS A 99 -7.25 -23.95 13.42
N LEU A 100 -6.51 -24.35 14.45
CA LEU A 100 -5.71 -25.58 14.42
C LEU A 100 -6.30 -26.55 15.42
N GLN A 101 -6.47 -27.81 15.02
CA GLN A 101 -6.95 -28.86 15.90
C GLN A 101 -5.74 -29.50 16.58
N ILE A 102 -5.53 -29.18 17.86
CA ILE A 102 -4.40 -29.71 18.63
C ILE A 102 -4.74 -31.12 19.09
N SER A 103 -3.95 -32.10 18.66
CA SER A 103 -4.21 -33.47 19.07
C SER A 103 -3.39 -33.88 20.30
N ARG A 104 -2.17 -33.35 20.45
CA ARG A 104 -1.37 -33.64 21.63
C ARG A 104 -0.31 -32.57 21.82
N ALA A 105 -0.01 -32.28 23.08
CA ALA A 105 1.09 -31.41 23.45
C ALA A 105 1.86 -32.07 24.58
N THR A 106 3.19 -32.02 24.49
CA THR A 106 4.04 -32.60 25.52
C THR A 106 5.18 -31.64 25.83
N LEU A 107 5.68 -31.73 27.06
CA LEU A 107 6.79 -30.91 27.53
C LEU A 107 8.00 -31.81 27.77
N ARG A 108 9.15 -31.43 27.20
CA ARG A 108 10.37 -32.19 27.33
C ARG A 108 11.41 -31.40 28.13
N LYS A 109 12.07 -32.08 29.06
CA LYS A 109 13.16 -31.51 29.85
C LYS A 109 14.44 -32.22 29.45
N GLY A 110 15.41 -31.47 28.94
CA GLY A 110 16.53 -32.04 28.22
C GLY A 110 17.62 -32.63 29.11
N ALA A 111 18.62 -33.21 28.43
CA ALA A 111 19.78 -33.90 29.00
C ALA A 111 19.91 -35.28 28.36
N GLY A 112 21.12 -35.62 27.90
CA GLY A 112 21.34 -36.86 27.18
C GLY A 112 20.62 -38.06 27.75
N GLU A 113 21.10 -38.56 28.89
CA GLU A 113 20.47 -39.70 29.53
C GLU A 113 19.28 -39.29 30.40
N ARG A 114 19.27 -38.05 30.89
CA ARG A 114 18.25 -37.58 31.80
C ARG A 114 17.08 -36.90 31.08
N LEU A 115 16.89 -37.17 29.79
CA LEU A 115 15.83 -36.49 29.05
C LEU A 115 14.48 -37.10 29.38
N SER A 116 13.57 -36.28 29.89
CA SER A 116 12.24 -36.68 30.31
C SER A 116 11.19 -35.91 29.52
N GLU A 117 10.00 -36.50 29.45
CA GLU A 117 8.91 -35.95 28.65
C GLU A 117 7.60 -36.19 29.40
N GLU A 118 6.70 -35.22 29.33
CA GLU A 118 5.46 -35.22 30.10
C GLU A 118 4.33 -34.61 29.29
N PRO A 119 3.08 -35.04 29.52
CA PRO A 119 1.96 -34.48 28.75
C PRO A 119 1.46 -33.16 29.33
N LEU A 120 1.03 -32.29 28.43
CA LEU A 120 0.48 -30.99 28.77
C LEU A 120 -1.02 -31.02 28.53
N GLN A 121 -1.79 -30.52 29.49
CA GLN A 121 -3.21 -30.28 29.25
C GLN A 121 -3.39 -29.04 28.37
N VAL A 122 -4.29 -29.14 27.40
CA VAL A 122 -4.48 -28.09 26.40
C VAL A 122 -5.84 -27.44 26.61
N LEU A 123 -5.85 -26.13 26.81
CA LEU A 123 -7.05 -25.31 26.81
C LEU A 123 -6.97 -24.31 25.66
N GLU A 124 -8.12 -23.84 25.20
CA GLU A 124 -8.17 -22.91 24.08
C GLU A 124 -9.07 -21.73 24.42
N HIS A 125 -8.69 -20.56 23.92
CA HIS A 125 -9.51 -19.34 24.02
C HIS A 125 -9.57 -18.80 22.60
N PRO A 126 -10.55 -19.24 21.81
CA PRO A 126 -10.56 -18.88 20.38
C PRO A 126 -10.60 -17.38 20.11
N ARG A 127 -11.31 -16.58 20.91
CA ARG A 127 -11.39 -15.17 20.57
C ARG A 127 -10.07 -14.45 20.84
N GLN A 128 -9.33 -14.86 21.87
CA GLN A 128 -7.98 -14.36 22.07
C GLN A 128 -6.98 -15.06 21.16
N GLU A 129 -7.42 -16.06 20.39
CA GLU A 129 -6.56 -16.80 19.47
C GLU A 129 -5.37 -17.41 20.21
N GLN A 130 -5.62 -17.88 21.42
CA GLN A 130 -4.60 -18.44 22.28
C GLN A 130 -4.95 -19.86 22.69
N ILE A 131 -3.90 -20.62 23.02
CA ILE A 131 -4.06 -21.88 23.74
C ILE A 131 -3.23 -21.79 25.02
N ALA A 132 -3.60 -22.62 25.99
CA ALA A 132 -2.87 -22.71 27.24
C ALA A 132 -2.45 -24.17 27.45
N LEU A 133 -1.17 -24.36 27.73
CA LEU A 133 -0.60 -25.68 28.00
C LEU A 133 -0.25 -25.71 29.47
N LEU A 134 -0.97 -26.54 30.23
CA LEU A 134 -0.79 -26.62 31.67
C LEU A 134 0.09 -27.83 31.99
N ALA A 135 1.23 -27.56 32.68
CA ALA A 135 2.20 -28.58 33.04
C ALA A 135 1.92 -29.11 34.45
N PRO A 136 2.31 -30.36 34.72
CA PRO A 136 2.14 -30.89 36.09
C PRO A 136 2.98 -30.13 37.12
N GLU A 137 4.25 -29.86 36.81
CA GLU A 137 5.13 -29.16 37.71
C GLU A 137 5.52 -27.80 37.13
N PRO A 138 5.74 -26.79 37.98
CA PRO A 138 6.15 -25.47 37.48
C PRO A 138 7.49 -25.55 36.76
N LEU A 139 7.61 -24.80 35.68
CA LEU A 139 8.89 -24.74 34.97
C LEU A 139 9.95 -24.12 35.87
N LEU A 140 11.18 -24.64 35.77
CA LEU A 140 12.31 -24.08 36.51
C LEU A 140 12.88 -22.90 35.73
N VAL A 141 13.08 -21.78 36.43
CA VAL A 141 13.50 -20.56 35.76
C VAL A 141 14.86 -20.73 35.12
N GLY A 142 15.00 -20.25 33.88
CA GLY A 142 16.27 -20.25 33.19
C GLY A 142 16.65 -21.55 32.50
N LEU A 143 16.01 -22.67 32.83
CA LEU A 143 16.43 -23.91 32.16
C LEU A 143 15.65 -24.12 30.86
N PRO A 144 16.26 -24.81 29.89
CA PRO A 144 15.59 -25.03 28.60
C PRO A 144 14.54 -26.13 28.68
N TYR A 145 13.37 -25.86 28.12
CA TYR A 145 12.35 -26.85 27.87
C TYR A 145 12.05 -26.86 26.37
N THR A 146 11.46 -27.94 25.90
CA THR A 146 10.96 -28.03 24.54
C THR A 146 9.49 -28.44 24.59
N VAL A 147 8.64 -27.63 23.96
CA VAL A 147 7.22 -27.92 23.84
C VAL A 147 7.00 -28.57 22.48
N VAL A 148 6.31 -29.71 22.46
CA VAL A 148 6.04 -30.44 21.24
C VAL A 148 4.52 -30.48 21.06
N ILE A 149 4.05 -29.97 19.92
CA ILE A 149 2.62 -29.89 19.65
C ILE A 149 2.34 -30.55 18.32
N HIS A 150 1.43 -31.53 18.34
CA HIS A 150 0.92 -32.13 17.12
C HIS A 150 -0.47 -31.60 16.83
N TYR A 151 -0.75 -31.30 15.57
CA TYR A 151 -1.99 -30.61 15.22
C TYR A 151 -2.30 -30.86 13.76
N ALA A 152 -3.55 -30.52 13.39
CA ALA A 152 -4.01 -30.60 12.01
C ALA A 152 -4.80 -29.34 11.69
N GLY A 153 -4.88 -29.05 10.39
CA GLY A 153 -5.72 -27.95 9.96
C GLY A 153 -6.13 -28.16 8.52
N ASN A 154 -6.99 -27.26 8.06
CA ASN A 154 -7.45 -27.19 6.68
C ASN A 154 -6.74 -26.05 6.00
N LEU A 155 -6.33 -26.24 4.74
CA LEU A 155 -5.79 -25.09 4.01
C LEU A 155 -6.82 -23.98 4.01
N SER A 156 -6.34 -22.75 4.21
CA SER A 156 -7.24 -21.61 4.29
C SER A 156 -7.81 -21.31 2.91
N GLU A 157 -9.09 -20.94 2.89
CA GLU A 157 -9.73 -20.46 1.67
CA GLU A 157 -9.76 -20.46 1.68
C GLU A 157 -9.68 -18.94 1.55
N THR A 158 -8.97 -18.28 2.44
CA THR A 158 -8.76 -16.84 2.36
C THR A 158 -7.41 -16.57 1.66
N PHE A 159 -6.86 -15.37 1.86
CA PHE A 159 -5.54 -15.01 1.36
C PHE A 159 -4.51 -14.97 2.47
N HIS A 160 -4.82 -15.48 3.67
CA HIS A 160 -3.84 -15.43 4.75
C HIS A 160 -3.76 -16.81 5.40
N GLY A 161 -2.74 -16.98 6.24
CA GLY A 161 -2.41 -18.30 6.74
C GLY A 161 -1.73 -19.13 5.68
N PHE A 162 -1.95 -20.44 5.76
CA PHE A 162 -1.43 -21.41 4.80
C PHE A 162 -2.60 -21.69 3.88
N TYR A 163 -2.59 -21.10 2.68
CA TYR A 163 -3.81 -20.97 1.91
C TYR A 163 -3.66 -21.56 0.52
N LYS A 164 -4.82 -21.84 -0.07
CA LYS A 164 -4.91 -22.46 -1.38
C LYS A 164 -4.90 -21.39 -2.46
N SER A 165 -4.12 -21.62 -3.51
CA SER A 165 -4.15 -20.74 -4.68
C SER A 165 -4.28 -21.65 -5.90
N THR A 166 -4.98 -21.16 -6.93
CA THR A 166 -5.25 -21.99 -8.09
C THR A 166 -4.95 -21.22 -9.37
N TYR A 167 -4.77 -21.96 -10.44
CA TYR A 167 -4.64 -21.36 -11.76
C TYR A 167 -5.00 -22.43 -12.78
N ARG A 168 -5.15 -22.02 -14.02
CA ARG A 168 -5.50 -22.93 -15.10
C ARG A 168 -4.35 -23.03 -16.09
N THR A 169 -4.07 -24.25 -16.54
CA THR A 169 -3.13 -24.45 -17.63
C THR A 169 -3.69 -23.86 -18.91
N LYS A 170 -2.80 -23.55 -19.86
CA LYS A 170 -3.25 -23.02 -21.14
C LYS A 170 -4.24 -23.95 -21.82
N GLU A 171 -4.32 -25.21 -21.39
CA GLU A 171 -5.28 -26.17 -21.91
C GLU A 171 -6.56 -26.24 -21.08
N GLY A 172 -6.68 -25.40 -20.04
CA GLY A 172 -7.87 -25.37 -19.22
C GLY A 172 -7.84 -26.24 -17.97
N GLU A 173 -6.74 -26.93 -17.71
CA GLU A 173 -6.66 -27.81 -16.55
C GLU A 173 -6.42 -26.99 -15.29
N LEU A 174 -7.19 -27.28 -14.23
CA LEU A 174 -7.02 -26.60 -12.95
C LEU A 174 -5.80 -27.14 -12.21
N ARG A 175 -5.03 -26.23 -11.62
CA ARG A 175 -3.89 -26.60 -10.80
C ARG A 175 -4.02 -25.93 -9.45
N ILE A 176 -3.55 -26.60 -8.41
CA ILE A 176 -3.64 -26.11 -7.04
C ILE A 176 -2.24 -26.03 -6.45
N LEU A 177 -1.96 -24.93 -5.76
CA LEU A 177 -0.74 -24.79 -5.01
C LEU A 177 -1.11 -24.33 -3.61
N ALA A 178 -0.13 -24.34 -2.72
CA ALA A 178 -0.34 -23.87 -1.35
C ALA A 178 0.77 -22.90 -1.00
N SER A 179 0.42 -21.77 -0.41
CA SER A 179 1.36 -20.70 -0.15
C SER A 179 0.99 -20.10 1.19
N THR A 180 1.87 -19.24 1.70
CA THR A 180 1.65 -18.66 3.02
C THR A 180 1.60 -17.14 2.92
N GLN A 181 0.82 -16.55 3.83
CA GLN A 181 0.88 -15.12 4.07
C GLN A 181 0.60 -14.94 5.55
N PHE A 182 1.61 -14.54 6.31
CA PHE A 182 1.48 -14.52 7.75
C PHE A 182 1.37 -13.12 8.35
N GLU A 183 2.00 -12.11 7.76
CA GLU A 183 1.91 -10.77 8.35
C GLU A 183 0.48 -10.25 8.26
N PRO A 184 -0.07 -9.67 9.33
CA PRO A 184 0.63 -9.52 10.62
C PRO A 184 0.48 -10.71 11.59
N THR A 185 -0.72 -11.29 11.70
CA THR A 185 -1.02 -12.16 12.83
C THR A 185 -1.49 -13.55 12.39
N ALA A 186 -1.07 -14.03 11.22
CA ALA A 186 -1.57 -15.30 10.69
C ALA A 186 -0.60 -16.47 10.79
N ALA A 187 0.63 -16.29 11.27
CA ALA A 187 1.48 -17.47 11.43
C ALA A 187 0.78 -18.50 12.33
N ARG A 188 0.05 -18.03 13.33
CA ARG A 188 -0.67 -18.87 14.28
C ARG A 188 -1.78 -19.72 13.64
N MET A 189 -2.09 -19.50 12.36
CA MET A 189 -2.99 -20.34 11.60
C MET A 189 -2.28 -21.49 10.91
N ALA A 190 -0.96 -21.47 10.89
CA ALA A 190 -0.18 -22.53 10.27
C ALA A 190 0.60 -23.36 11.29
N PHE A 191 1.01 -22.75 12.41
CA PHE A 191 1.65 -23.51 13.47
C PHE A 191 1.48 -22.75 14.77
N PRO A 192 1.32 -23.44 15.90
CA PRO A 192 1.25 -22.72 17.18
C PRO A 192 2.58 -22.03 17.47
N CYS A 193 2.54 -20.76 17.87
CA CYS A 193 3.77 -20.02 18.13
C CYS A 193 3.49 -18.83 19.06
N PHE A 194 4.57 -18.21 19.49
CA PHE A 194 4.52 -16.93 20.17
C PHE A 194 4.47 -15.88 19.06
N ASP A 195 3.25 -15.57 18.62
CA ASP A 195 3.03 -14.87 17.35
C ASP A 195 2.93 -13.36 17.58
N GLU A 196 4.01 -12.79 18.12
CA GLU A 196 4.22 -11.35 18.21
C GLU A 196 5.64 -11.05 17.73
N PRO A 197 5.85 -9.91 17.04
CA PRO A 197 7.11 -9.71 16.30
C PRO A 197 8.35 -9.59 17.16
N ALA A 198 8.23 -9.29 18.46
CA ALA A 198 9.39 -9.19 19.32
C ALA A 198 9.84 -10.53 19.91
N PHE A 199 9.08 -11.61 19.72
CA PHE A 199 9.52 -12.95 20.13
C PHE A 199 10.28 -13.60 18.97
N LYS A 200 11.49 -13.09 18.72
CA LYS A 200 12.27 -13.59 17.59
C LYS A 200 12.93 -14.92 17.93
N ALA A 201 13.16 -15.73 16.91
CA ALA A 201 13.71 -17.06 17.07
C ALA A 201 14.21 -17.55 15.73
N SER A 202 14.99 -18.64 15.74
CA SER A 202 15.37 -19.31 14.50
C SER A 202 14.37 -20.41 14.18
N PHE A 203 14.28 -20.75 12.89
CA PHE A 203 13.29 -21.71 12.40
C PHE A 203 13.97 -22.74 11.52
N SER A 204 13.84 -24.01 11.89
CA SER A 204 14.21 -25.14 11.03
C SER A 204 12.92 -25.74 10.47
N ILE A 205 12.73 -25.62 9.16
CA ILE A 205 11.48 -25.97 8.52
C ILE A 205 11.66 -27.26 7.73
N LYS A 206 10.71 -28.20 7.91
CA LYS A 206 10.65 -29.47 7.19
C LYS A 206 9.31 -29.52 6.47
N ILE A 207 9.30 -29.94 5.21
CA ILE A 207 8.06 -30.04 4.44
C ILE A 207 7.98 -31.44 3.85
N ARG A 208 6.88 -32.14 4.15
CA ARG A 208 6.60 -33.44 3.54
C ARG A 208 5.63 -33.23 2.37
N ARG A 209 6.00 -33.78 1.20
CA ARG A 209 5.27 -33.45 -0.02
C ARG A 209 5.37 -34.62 -1.00
N GLU A 210 4.49 -34.59 -1.99
CA GLU A 210 4.57 -35.58 -3.05
C GLU A 210 5.77 -35.32 -3.97
N PRO A 211 6.34 -36.38 -4.55
CA PRO A 211 7.47 -36.21 -5.46
C PRO A 211 7.22 -35.22 -6.58
N ARG A 212 5.96 -35.13 -7.04
CA ARG A 212 5.60 -34.34 -8.21
C ARG A 212 5.60 -32.84 -7.94
N HIS A 213 5.74 -32.41 -6.69
CA HIS A 213 5.67 -31.00 -6.36
C HIS A 213 6.99 -30.52 -5.80
N LEU A 214 7.18 -29.21 -5.93
CA LEU A 214 8.36 -28.52 -5.43
C LEU A 214 7.96 -27.78 -4.15
N ALA A 215 8.82 -27.84 -3.13
CA ALA A 215 8.68 -26.99 -1.96
C ALA A 215 9.83 -26.00 -1.90
N ILE A 216 9.52 -24.76 -1.53
CA ILE A 216 10.53 -23.75 -1.23
C ILE A 216 10.11 -23.04 0.04
N SER A 217 11.10 -22.46 0.71
CA SER A 217 10.89 -21.83 2.01
C SER A 217 11.88 -20.68 2.12
N ASN A 218 12.05 -20.15 3.34
CA ASN A 218 12.95 -19.01 3.54
C ASN A 218 14.39 -19.32 3.15
N MET A 219 14.89 -20.49 3.55
CA MET A 219 16.28 -20.88 3.41
C MET A 219 16.48 -21.90 2.30
N PRO A 220 17.73 -22.13 1.88
CA PRO A 220 17.99 -23.14 0.86
C PRO A 220 17.59 -24.53 1.34
N LEU A 221 17.23 -25.37 0.38
CA LEU A 221 16.96 -26.77 0.64
C LEU A 221 18.29 -27.49 0.78
N VAL A 222 18.49 -28.18 1.92
CA VAL A 222 19.76 -28.84 2.18
C VAL A 222 19.68 -30.36 2.04
N LYS A 223 18.49 -30.96 2.18
CA LYS A 223 18.40 -32.41 2.04
C LYS A 223 16.95 -32.79 1.74
N SER A 224 16.78 -33.75 0.84
CA SER A 224 15.47 -34.35 0.57
C SER A 224 15.59 -35.84 0.84
N VAL A 225 14.66 -36.38 1.62
CA VAL A 225 14.70 -37.78 2.01
C VAL A 225 13.34 -38.40 1.73
N THR A 226 13.33 -39.48 0.95
CA THR A 226 12.10 -40.25 0.76
C THR A 226 11.73 -40.91 2.07
N VAL A 227 10.54 -40.62 2.59
CA VAL A 227 10.13 -41.13 3.89
C VAL A 227 9.06 -42.20 3.80
N ALA A 228 8.35 -42.31 2.68
CA ALA A 228 7.38 -43.38 2.46
C ALA A 228 7.10 -43.41 0.97
N GLU A 229 6.21 -44.32 0.56
CA GLU A 229 5.84 -44.37 -0.84
C GLU A 229 5.18 -43.05 -1.24
N GLY A 230 5.80 -42.35 -2.19
CA GLY A 230 5.23 -41.11 -2.67
C GLY A 230 5.21 -39.99 -1.65
N LEU A 231 6.14 -39.99 -0.68
CA LEU A 231 6.27 -38.89 0.26
C LEU A 231 7.74 -38.57 0.45
N ILE A 232 8.12 -37.32 0.17
CA ILE A 232 9.49 -36.84 0.33
C ILE A 232 9.49 -35.79 1.42
N GLU A 233 10.49 -35.84 2.31
CA GLU A 233 10.64 -34.82 3.34
C GLU A 233 11.80 -33.91 2.96
N ASP A 234 11.48 -32.63 2.75
CA ASP A 234 12.46 -31.60 2.45
C ASP A 234 12.95 -30.93 3.73
N HIS A 235 14.26 -30.87 3.90
CA HIS A 235 14.88 -30.16 5.01
C HIS A 235 15.46 -28.84 4.49
N PHE A 236 15.04 -27.72 5.07
CA PHE A 236 15.60 -26.42 4.74
C PHE A 236 16.52 -25.98 5.87
N ASP A 237 17.55 -25.20 5.51
CA ASP A 237 18.51 -24.76 6.50
C ASP A 237 17.84 -23.88 7.54
N VAL A 238 18.43 -23.84 8.74
CA VAL A 238 17.88 -23.00 9.81
C VAL A 238 17.97 -21.52 9.43
N THR A 239 16.93 -20.76 9.80
CA THR A 239 16.91 -19.32 9.54
C THR A 239 17.75 -18.59 10.58
N VAL A 240 18.04 -17.32 10.27
CA VAL A 240 18.56 -16.40 11.27
C VAL A 240 17.42 -16.09 12.24
N LYS A 241 17.75 -15.44 13.36
CA LYS A 241 16.73 -14.96 14.29
C LYS A 241 15.78 -14.01 13.56
N MET A 242 14.48 -14.31 13.62
CA MET A 242 13.50 -13.47 12.92
C MET A 242 12.12 -13.64 13.57
N SER A 243 11.20 -12.78 13.14
CA SER A 243 9.84 -12.79 13.66
C SER A 243 9.02 -13.89 13.01
N THR A 244 8.00 -14.37 13.73
CA THR A 244 7.16 -15.44 13.18
C THR A 244 6.48 -15.03 11.88
N TYR A 245 6.17 -13.74 11.70
CA TYR A 245 5.38 -13.39 10.52
C TYR A 245 6.16 -13.48 9.21
N LEU A 246 7.47 -13.72 9.27
CA LEU A 246 8.31 -13.82 8.08
C LEU A 246 8.53 -15.25 7.62
N VAL A 247 8.08 -16.26 8.38
CA VAL A 247 8.18 -17.65 7.94
C VAL A 247 7.35 -17.83 6.68
N ALA A 248 7.90 -18.55 5.69
CA ALA A 248 7.16 -18.75 4.46
C ALA A 248 7.46 -20.11 3.87
N PHE A 249 6.47 -20.68 3.19
CA PHE A 249 6.73 -21.88 2.40
C PHE A 249 5.66 -22.01 1.33
N ILE A 250 6.05 -22.61 0.21
CA ILE A 250 5.19 -22.73 -0.95
C ILE A 250 5.36 -24.14 -1.50
N ILE A 251 4.25 -24.81 -1.76
CA ILE A 251 4.25 -26.10 -2.43
C ILE A 251 3.53 -25.93 -3.77
N SER A 252 4.25 -26.17 -4.86
CA SER A 252 3.79 -25.72 -6.18
C SER A 252 4.48 -26.55 -7.27
N ASP A 253 4.10 -26.25 -8.52
CA ASP A 253 4.84 -26.71 -9.69
C ASP A 253 5.51 -25.54 -10.41
N PHE A 254 5.89 -24.50 -9.65
CA PHE A 254 6.52 -23.32 -10.20
C PHE A 254 7.80 -23.66 -10.96
N GLU A 255 8.09 -22.89 -12.00
CA GLU A 255 9.40 -22.87 -12.62
C GLU A 255 10.18 -21.66 -12.13
N SER A 256 11.48 -21.62 -12.42
CA SER A 256 12.27 -20.50 -11.93
C SER A 256 13.35 -20.11 -12.94
N VAL A 257 13.84 -18.88 -12.77
CA VAL A 257 15.05 -18.39 -13.41
C VAL A 257 15.91 -17.77 -12.33
N SER A 258 17.22 -17.76 -12.53
CA SER A 258 18.10 -17.33 -11.45
C SER A 258 19.30 -16.58 -12.01
N LYS A 259 19.92 -15.80 -11.12
CA LYS A 259 21.10 -14.99 -11.43
C LYS A 259 21.76 -14.69 -10.10
N ILE A 260 23.11 -14.63 -10.10
CA ILE A 260 23.89 -14.49 -8.87
C ILE A 260 24.38 -13.06 -8.71
N THR A 261 24.22 -12.51 -7.51
CA THR A 261 24.71 -11.17 -7.23
C THR A 261 26.24 -11.16 -7.15
N LYS A 262 26.82 -9.97 -7.28
CA LYS A 262 28.27 -9.87 -7.13
C LYS A 262 28.72 -10.31 -5.74
N SER A 263 27.83 -10.27 -4.74
CA SER A 263 28.14 -10.77 -3.40
C SER A 263 27.92 -12.27 -3.26
N GLY A 264 27.47 -12.95 -4.31
CA GLY A 264 27.29 -14.39 -4.26
C GLY A 264 25.93 -14.88 -3.84
N VAL A 265 24.93 -13.99 -3.74
CA VAL A 265 23.58 -14.41 -3.37
C VAL A 265 22.87 -14.91 -4.63
N LYS A 266 22.26 -16.09 -4.54
CA LYS A 266 21.47 -16.60 -5.66
C LYS A 266 20.07 -15.99 -5.60
N VAL A 267 19.73 -15.19 -6.61
CA VAL A 267 18.42 -14.57 -6.71
C VAL A 267 17.63 -15.33 -7.78
N SER A 268 16.41 -15.74 -7.44
CA SER A 268 15.56 -16.47 -8.35
C SER A 268 14.15 -15.86 -8.35
N VAL A 269 13.51 -15.91 -9.52
CA VAL A 269 12.09 -15.60 -9.66
C VAL A 269 11.37 -16.90 -9.98
N TYR A 270 10.28 -17.17 -9.26
CA TYR A 270 9.46 -18.35 -9.47
C TYR A 270 8.08 -17.90 -9.97
N ALA A 271 7.51 -18.69 -10.88
CA ALA A 271 6.19 -18.37 -11.42
C ALA A 271 5.63 -19.64 -12.05
N VAL A 272 4.33 -19.62 -12.34
CA VAL A 272 3.71 -20.77 -12.99
C VAL A 272 4.42 -20.99 -14.31
N PRO A 273 4.47 -22.23 -14.80
CA PRO A 273 5.19 -22.51 -16.06
C PRO A 273 4.80 -21.61 -17.21
N ASP A 274 3.50 -21.35 -17.40
CA ASP A 274 3.06 -20.55 -18.53
C ASP A 274 3.45 -19.10 -18.44
N LYS A 275 3.96 -18.63 -17.29
CA LYS A 275 4.30 -17.23 -17.12
C LYS A 275 5.76 -17.00 -16.79
N ILE A 276 6.57 -18.06 -16.69
CA ILE A 276 7.94 -17.85 -16.25
C ILE A 276 8.73 -17.06 -17.27
N ASN A 277 8.30 -17.04 -18.54
CA ASN A 277 9.02 -16.21 -19.50
C ASN A 277 8.75 -14.73 -19.32
N GLN A 278 7.96 -14.34 -18.31
CA GLN A 278 7.75 -12.94 -17.95
C GLN A 278 8.56 -12.52 -16.74
N ALA A 279 9.50 -13.34 -16.31
CA ALA A 279 10.21 -13.09 -15.07
C ALA A 279 11.53 -12.35 -15.24
N ASP A 280 11.98 -12.11 -16.48
CA ASP A 280 13.34 -11.61 -16.71
C ASP A 280 13.53 -10.22 -16.14
N TYR A 281 12.56 -9.31 -16.37
CA TYR A 281 12.74 -7.94 -15.90
C TYR A 281 12.92 -7.90 -14.38
N ALA A 282 12.03 -8.57 -13.65
CA ALA A 282 12.09 -8.54 -12.20
C ALA A 282 13.39 -9.17 -11.69
N LEU A 283 13.84 -10.24 -12.36
CA LEU A 283 15.07 -10.88 -11.93
C LEU A 283 16.25 -9.92 -12.00
N ASP A 284 16.39 -9.25 -13.15
CA ASP A 284 17.46 -8.26 -13.31
C ASP A 284 17.32 -7.12 -12.31
N ALA A 285 16.10 -6.60 -12.13
CA ALA A 285 15.92 -5.51 -11.18
C ALA A 285 16.27 -5.95 -9.76
N ALA A 286 15.90 -7.19 -9.40
CA ALA A 286 16.17 -7.65 -8.04
C ALA A 286 17.67 -7.75 -7.77
N VAL A 287 18.45 -8.23 -8.73
CA VAL A 287 19.89 -8.32 -8.52
C VAL A 287 20.50 -6.93 -8.35
N THR A 288 20.11 -6.00 -9.23
CA THR A 288 20.62 -4.63 -9.14
C THR A 288 20.22 -3.96 -7.82
N LEU A 289 18.99 -4.16 -7.38
CA LEU A 289 18.54 -3.49 -6.17
C LEU A 289 19.15 -4.14 -4.93
N LEU A 290 19.24 -5.46 -4.88
CA LEU A 290 19.88 -6.08 -3.72
C LEU A 290 21.34 -5.64 -3.60
N GLU A 291 22.05 -5.58 -4.73
CA GLU A 291 23.42 -5.07 -4.72
C GLU A 291 23.46 -3.62 -4.25
N PHE A 292 22.48 -2.80 -4.66
CA PHE A 292 22.45 -1.42 -4.18
C PHE A 292 22.36 -1.37 -2.67
N TYR A 293 21.36 -2.04 -2.10
CA TYR A 293 21.18 -1.97 -0.65
C TYR A 293 22.42 -2.48 0.08
N GLU A 294 22.99 -3.58 -0.39
CA GLU A 294 24.19 -4.11 0.28
C GLU A 294 25.30 -3.08 0.25
N ASP A 295 25.54 -2.46 -0.90
CA ASP A 295 26.61 -1.47 -1.01
CA ASP A 295 26.61 -1.48 -1.01
C ASP A 295 26.25 -0.18 -0.29
N TYR A 296 24.98 0.19 -0.32
CA TYR A 296 24.55 1.44 0.27
C TYR A 296 24.74 1.45 1.79
N PHE A 297 24.23 0.41 2.46
CA PHE A 297 24.31 0.32 3.91
C PHE A 297 25.59 -0.32 4.39
N SER A 298 26.36 -0.96 3.51
CA SER A 298 27.52 -1.75 3.91
C SER A 298 27.13 -2.81 4.94
N ILE A 299 25.90 -3.28 4.85
CA ILE A 299 25.40 -4.38 5.69
C ILE A 299 24.94 -5.49 4.76
N PRO A 300 25.69 -6.59 4.63
CA PRO A 300 25.36 -7.58 3.61
C PRO A 300 24.00 -8.22 3.87
N TYR A 301 23.36 -8.67 2.79
CA TYR A 301 22.25 -9.60 2.92
C TYR A 301 22.77 -10.90 3.50
N PRO A 302 22.19 -11.40 4.60
CA PRO A 302 22.83 -12.51 5.34
C PRO A 302 22.47 -13.91 4.86
N LEU A 303 21.56 -14.05 3.92
CA LEU A 303 21.13 -15.37 3.50
C LEU A 303 21.79 -15.75 2.19
N PRO A 304 21.91 -17.05 1.91
CA PRO A 304 22.55 -17.49 0.67
C PRO A 304 21.73 -17.22 -0.57
N LYS A 305 20.41 -17.07 -0.45
CA LYS A 305 19.57 -16.90 -1.63
C LYS A 305 18.41 -15.97 -1.30
N GLN A 306 17.79 -15.47 -2.37
CA GLN A 306 16.60 -14.63 -2.28
C GLN A 306 15.69 -15.06 -3.41
N ASP A 307 14.48 -15.50 -3.07
CA ASP A 307 13.49 -15.88 -4.06
C ASP A 307 12.41 -14.81 -4.15
N LEU A 308 11.88 -14.63 -5.34
CA LEU A 308 10.75 -13.76 -5.62
C LEU A 308 9.71 -14.63 -6.31
N ALA A 309 8.57 -14.85 -5.65
CA ALA A 309 7.58 -15.80 -6.14
C ALA A 309 6.29 -15.07 -6.51
N ALA A 310 5.84 -15.27 -7.75
CA ALA A 310 4.60 -14.66 -8.24
C ALA A 310 3.43 -15.61 -7.98
N ILE A 311 2.56 -15.26 -7.06
CA ILE A 311 1.50 -16.15 -6.59
C ILE A 311 0.22 -15.85 -7.35
N PRO A 312 -0.48 -16.86 -7.90
CA PRO A 312 -1.68 -16.57 -8.70
C PRO A 312 -2.82 -15.95 -7.90
N ASP A 313 -2.89 -16.13 -6.59
CA ASP A 313 -3.85 -15.42 -5.75
C ASP A 313 -3.10 -14.77 -4.60
N PHE A 314 -3.27 -13.47 -4.43
CA PHE A 314 -2.53 -12.75 -3.40
C PHE A 314 -3.29 -11.49 -3.05
N GLN A 315 -3.41 -11.20 -1.75
CA GLN A 315 -4.28 -10.11 -1.31
C GLN A 315 -3.61 -8.74 -1.43
N SER A 316 -2.44 -8.57 -0.79
CA SER A 316 -1.68 -7.34 -0.87
CA SER A 316 -1.68 -7.34 -0.87
C SER A 316 -0.94 -7.29 -2.21
N GLY A 317 -0.03 -6.34 -2.34
CA GLY A 317 0.78 -6.27 -3.55
C GLY A 317 1.89 -7.31 -3.50
N ALA A 318 2.48 -7.48 -2.32
CA ALA A 318 3.65 -8.35 -2.15
C ALA A 318 3.95 -8.46 -0.66
N MET A 319 4.94 -9.31 -0.33
CA MET A 319 5.29 -9.55 1.08
C MET A 319 6.77 -9.92 1.16
N GLU A 320 7.45 -9.42 2.21
CA GLU A 320 8.90 -9.42 2.27
C GLU A 320 9.49 -10.63 2.99
N ASN A 321 8.82 -11.79 3.02
CA ASN A 321 9.33 -12.92 3.80
C ASN A 321 10.82 -13.11 3.52
N TRP A 322 11.60 -13.26 4.60
CA TRP A 322 13.05 -13.27 4.49
C TRP A 322 13.56 -14.46 3.66
N GLY A 323 14.13 -14.19 2.48
CA GLY A 323 14.58 -15.23 1.57
C GLY A 323 13.53 -15.75 0.61
N LEU A 324 12.26 -15.39 0.79
CA LEU A 324 11.19 -15.89 -0.07
C LEU A 324 10.11 -14.81 -0.15
N THR A 325 10.42 -13.72 -0.86
CA THR A 325 9.44 -12.65 -1.04
C THR A 325 8.40 -13.10 -2.07
N THR A 326 7.16 -12.68 -1.85
CA THR A 326 6.02 -13.13 -2.66
C THR A 326 5.29 -11.92 -3.22
N TYR A 327 4.58 -12.13 -4.34
CA TYR A 327 4.04 -11.02 -5.14
C TYR A 327 2.75 -11.45 -5.79
N ARG A 328 1.81 -10.52 -5.92
CA ARG A 328 0.81 -10.66 -6.99
C ARG A 328 1.52 -10.84 -8.32
N GLU A 329 0.95 -11.64 -9.21
CA GLU A 329 1.57 -11.76 -10.53
C GLU A 329 1.70 -10.39 -11.18
N SER A 330 0.72 -9.51 -10.97
CA SER A 330 0.75 -8.21 -11.62
C SER A 330 1.80 -7.29 -11.04
N ALA A 331 2.36 -7.61 -9.88
CA ALA A 331 3.38 -6.77 -9.26
C ALA A 331 4.79 -7.23 -9.60
N LEU A 332 4.94 -8.27 -10.39
CA LEU A 332 6.25 -8.84 -10.64
C LEU A 332 6.50 -9.22 -12.09
N LEU A 333 5.49 -9.64 -12.84
CA LEU A 333 5.70 -10.24 -14.15
C LEU A 333 5.51 -9.21 -15.24
N PHE A 334 6.48 -9.11 -16.16
CA PHE A 334 6.51 -8.05 -17.14
C PHE A 334 6.51 -8.69 -18.53
N ASP A 335 5.54 -8.29 -19.35
CA ASP A 335 5.43 -8.74 -20.74
C ASP A 335 5.88 -7.58 -21.62
N ALA A 336 6.95 -7.79 -22.40
CA ALA A 336 7.52 -6.67 -23.13
C ALA A 336 6.57 -6.11 -24.19
N GLU A 337 5.61 -6.91 -24.65
CA GLU A 337 4.68 -6.46 -25.69
C GLU A 337 3.42 -5.82 -25.11
N LYS A 338 3.02 -6.18 -23.90
CA LYS A 338 1.72 -5.79 -23.40
C LYS A 338 1.74 -5.00 -22.11
N SER A 339 2.83 -5.02 -21.35
CA SER A 339 2.84 -4.34 -20.05
C SER A 339 2.95 -2.83 -20.25
N SER A 340 2.33 -2.07 -19.35
CA SER A 340 2.32 -0.63 -19.47
C SER A 340 3.59 -0.02 -18.85
N ALA A 341 3.84 1.23 -19.20
CA ALA A 341 4.95 1.94 -18.56
C ALA A 341 4.74 2.01 -17.05
N SER A 342 3.51 2.26 -16.60
CA SER A 342 3.24 2.33 -15.18
CA SER A 342 3.26 2.33 -15.18
C SER A 342 3.44 0.97 -14.49
N SER A 343 3.17 -0.12 -15.22
CA SER A 343 3.43 -1.43 -14.61
C SER A 343 4.92 -1.71 -14.50
N LYS A 344 5.71 -1.25 -15.48
CA LYS A 344 7.15 -1.42 -15.37
C LYS A 344 7.70 -0.61 -14.21
N LEU A 345 7.25 0.65 -14.07
CA LEU A 345 7.62 1.46 -12.91
C LEU A 345 7.19 0.75 -11.61
N GLY A 346 5.96 0.24 -11.58
CA GLY A 346 5.45 -0.37 -10.37
C GLY A 346 6.21 -1.62 -9.98
N ILE A 347 6.56 -2.46 -10.95
CA ILE A 347 7.35 -3.65 -10.63
C ILE A 347 8.68 -3.24 -10.02
N THR A 348 9.34 -2.25 -10.64
CA THR A 348 10.63 -1.80 -10.16
C THR A 348 10.52 -1.29 -8.73
N MET A 349 9.50 -0.45 -8.46
CA MET A 349 9.33 0.06 -7.10
C MET A 349 8.89 -1.03 -6.13
N THR A 350 8.10 -2.00 -6.60
CA THR A 350 7.67 -3.08 -5.72
C THR A 350 8.85 -3.96 -5.30
N VAL A 351 9.69 -4.36 -6.25
CA VAL A 351 10.89 -5.12 -5.90
C VAL A 351 11.77 -4.28 -4.97
N ALA A 352 11.91 -2.99 -5.25
CA ALA A 352 12.72 -2.14 -4.37
C ALA A 352 12.15 -2.10 -2.97
N HIS A 353 10.82 -2.09 -2.87
CA HIS A 353 10.17 -2.06 -1.57
C HIS A 353 10.43 -3.36 -0.81
N GLU A 354 10.21 -4.51 -1.45
CA GLU A 354 10.40 -5.78 -0.74
C GLU A 354 11.86 -6.00 -0.35
N LEU A 355 12.80 -5.60 -1.21
CA LEU A 355 14.20 -5.75 -0.85
C LEU A 355 14.61 -4.77 0.26
N ALA A 356 14.02 -3.57 0.30
CA ALA A 356 14.33 -2.67 1.41
C ALA A 356 13.93 -3.30 2.74
N HIS A 357 12.80 -4.02 2.75
CA HIS A 357 12.31 -4.70 3.95
C HIS A 357 13.32 -5.68 4.51
N GLN A 358 14.19 -6.23 3.66
CA GLN A 358 15.17 -7.18 4.20
C GLN A 358 15.99 -6.51 5.29
N TRP A 359 16.22 -5.20 5.18
CA TRP A 359 16.84 -4.43 6.27
C TRP A 359 15.78 -3.81 7.19
N PHE A 360 14.84 -3.06 6.62
CA PHE A 360 13.81 -2.36 7.41
C PHE A 360 12.58 -3.24 7.53
N GLY A 361 12.62 -4.13 8.51
CA GLY A 361 11.53 -5.06 8.72
C GLY A 361 12.05 -6.42 9.16
N ASN A 362 13.00 -6.96 8.40
CA ASN A 362 13.49 -8.32 8.66
C ASN A 362 14.68 -8.32 9.60
N LEU A 363 15.77 -7.65 9.20
CA LEU A 363 16.94 -7.50 10.06
C LEU A 363 16.59 -6.73 11.33
N VAL A 364 15.93 -5.59 11.16
CA VAL A 364 15.45 -4.76 12.26
C VAL A 364 13.94 -4.69 12.14
N THR A 365 13.25 -4.98 13.25
CA THR A 365 11.80 -5.14 13.23
C THR A 365 11.20 -4.27 14.32
N MET A 366 10.07 -3.63 14.04
CA MET A 366 9.40 -2.88 15.11
CA MET A 366 9.43 -2.87 15.12
C MET A 366 9.08 -3.80 16.28
N GLU A 367 9.12 -3.25 17.49
CA GLU A 367 8.87 -4.06 18.66
C GLU A 367 7.41 -4.49 18.75
N TRP A 368 6.49 -3.61 18.34
CA TRP A 368 5.07 -3.91 18.31
C TRP A 368 4.45 -3.10 17.19
N TRP A 369 3.26 -3.52 16.78
CA TRP A 369 2.62 -2.95 15.60
C TRP A 369 2.27 -1.47 15.77
N ASN A 370 2.29 -0.93 16.99
CA ASN A 370 2.05 0.50 17.12
C ASN A 370 3.11 1.31 16.38
N ASP A 371 4.29 0.74 16.17
CA ASP A 371 5.38 1.39 15.45
C ASP A 371 5.63 0.72 14.10
N LEU A 372 4.57 0.18 13.48
CA LEU A 372 4.72 -0.45 12.17
C LEU A 372 5.38 0.47 11.16
N TRP A 373 5.23 1.80 11.33
CA TRP A 373 5.79 2.72 10.35
C TRP A 373 7.30 2.56 10.22
N LEU A 374 7.99 2.07 11.28
CA LEU A 374 9.42 1.85 11.17
C LEU A 374 9.76 0.84 10.08
N ASN A 375 8.85 -0.12 9.83
CA ASN A 375 8.98 -1.03 8.69
C ASN A 375 8.50 -0.35 7.41
N GLU A 376 7.26 0.13 7.42
CA GLU A 376 6.58 0.42 6.15
C GLU A 376 6.94 1.81 5.63
N GLY A 377 7.10 2.79 6.52
CA GLY A 377 7.54 4.10 6.07
C GLY A 377 8.93 4.06 5.48
N PHE A 378 9.84 3.30 6.10
CA PHE A 378 11.20 3.17 5.58
C PHE A 378 11.21 2.43 4.26
N ALA A 379 10.48 1.32 4.18
CA ALA A 379 10.45 0.57 2.94
C ALA A 379 9.93 1.44 1.80
N LYS A 380 8.88 2.22 2.07
CA LYS A 380 8.33 3.12 1.06
C LYS A 380 9.34 4.20 0.66
N PHE A 381 9.99 4.81 1.66
CA PHE A 381 11.01 5.82 1.38
C PHE A 381 12.17 5.25 0.58
N MET A 382 12.59 4.04 0.92
CA MET A 382 13.77 3.43 0.30
C MET A 382 13.53 3.07 -1.17
N GLU A 383 12.27 2.84 -1.56
CA GLU A 383 11.95 2.70 -2.98
C GLU A 383 12.55 3.85 -3.78
N PHE A 384 12.43 5.06 -3.24
CA PHE A 384 12.87 6.24 -3.96
C PHE A 384 14.36 6.45 -3.82
N VAL A 385 14.91 6.21 -2.63
CA VAL A 385 16.36 6.31 -2.45
C VAL A 385 17.06 5.37 -3.43
N SER A 386 16.60 4.12 -3.50
CA SER A 386 17.29 3.11 -4.30
C SER A 386 17.04 3.29 -5.79
N VAL A 387 15.76 3.39 -6.20
CA VAL A 387 15.51 3.41 -7.64
C VAL A 387 16.05 4.69 -8.27
N SER A 388 16.11 5.79 -7.53
CA SER A 388 16.70 7.01 -8.08
CA SER A 388 16.71 7.01 -8.06
C SER A 388 18.15 6.78 -8.50
N VAL A 389 18.82 5.79 -7.92
CA VAL A 389 20.19 5.44 -8.32
C VAL A 389 20.21 4.34 -9.38
N THR A 390 19.46 3.26 -9.13
CA THR A 390 19.57 2.08 -9.98
C THR A 390 18.91 2.28 -11.34
N HIS A 391 17.83 3.06 -11.40
CA HIS A 391 17.07 3.26 -12.65
C HIS A 391 16.88 4.75 -12.88
N PRO A 392 17.97 5.51 -13.04
CA PRO A 392 17.84 6.97 -13.07
C PRO A 392 16.97 7.46 -14.19
N GLU A 393 16.78 6.67 -15.25
CA GLU A 393 15.89 7.06 -16.33
C GLU A 393 14.44 7.15 -15.88
N LEU A 394 14.08 6.55 -14.73
CA LEU A 394 12.71 6.61 -14.25
C LEU A 394 12.42 7.92 -13.50
N LYS A 395 13.45 8.66 -13.11
CA LYS A 395 13.27 9.99 -12.48
C LYS A 395 12.28 9.94 -11.30
N VAL A 396 12.29 8.83 -10.55
CA VAL A 396 11.21 8.59 -9.58
C VAL A 396 11.16 9.68 -8.51
N GLY A 397 12.29 10.33 -8.21
CA GLY A 397 12.26 11.38 -7.22
C GLY A 397 11.22 12.44 -7.54
N ASP A 398 10.94 12.65 -8.83
CA ASP A 398 9.96 13.64 -9.26
C ASP A 398 8.56 13.32 -8.77
N TYR A 399 8.27 12.04 -8.51
CA TYR A 399 6.92 11.60 -8.16
C TYR A 399 6.71 11.53 -6.66
N PHE A 400 7.76 11.68 -5.87
CA PHE A 400 7.66 11.34 -4.45
C PHE A 400 6.61 12.19 -3.75
N PHE A 401 6.61 13.51 -4.00
CA PHE A 401 5.69 14.38 -3.26
C PHE A 401 4.24 13.96 -3.43
N GLY A 402 3.89 13.26 -4.51
CA GLY A 402 2.52 12.79 -4.64
C GLY A 402 2.11 11.86 -3.51
N LYS A 403 3.05 11.07 -2.98
CA LYS A 403 2.73 10.21 -1.85
C LYS A 403 2.36 11.04 -0.63
N CYS A 404 3.04 12.17 -0.44
CA CYS A 404 2.70 13.08 0.66
C CYS A 404 1.28 13.62 0.52
N PHE A 405 0.88 13.97 -0.70
CA PHE A 405 -0.48 14.45 -0.88
C PHE A 405 -1.50 13.33 -0.68
N ASP A 406 -1.16 12.08 -1.03
CA ASP A 406 -2.01 10.95 -0.68
C ASP A 406 -2.18 10.85 0.84
N ALA A 407 -1.08 10.95 1.59
CA ALA A 407 -1.19 10.91 3.04
C ALA A 407 -2.09 12.02 3.55
N MET A 408 -1.97 13.22 2.98
CA MET A 408 -2.72 14.36 3.49
C MET A 408 -4.21 14.19 3.26
N GLU A 409 -4.60 13.38 2.28
CA GLU A 409 -6.03 13.15 2.06
C GLU A 409 -6.66 12.50 3.29
N VAL A 410 -6.03 11.45 3.80
CA VAL A 410 -6.56 10.81 5.01
C VAL A 410 -6.21 11.65 6.24
N ASP A 411 -5.02 12.22 6.26
CA ASP A 411 -4.52 12.90 7.44
C ASP A 411 -5.18 14.25 7.69
N ALA A 412 -5.99 14.77 6.77
CA ALA A 412 -6.74 15.98 7.05
C ALA A 412 -8.01 15.72 7.86
N LEU A 413 -8.39 14.45 8.04
CA LEU A 413 -9.66 14.12 8.69
C LEU A 413 -9.46 13.87 10.17
N ASN A 414 -10.46 14.27 10.99
CA ASN A 414 -10.42 13.97 12.41
C ASN A 414 -10.15 12.49 12.67
N SER A 415 -10.58 11.63 11.75
CA SER A 415 -10.47 10.17 11.90
C SER A 415 -9.12 9.62 11.46
N SER A 416 -8.13 10.48 11.19
CA SER A 416 -6.77 9.99 11.05
C SER A 416 -6.24 9.58 12.43
N HIS A 417 -4.97 9.18 12.46
CA HIS A 417 -4.32 8.75 13.69
C HIS A 417 -2.84 9.14 13.60
N PRO A 418 -2.18 9.32 14.75
CA PRO A 418 -0.73 9.56 14.71
C PRO A 418 0.00 8.40 14.05
N VAL A 419 1.16 8.72 13.46
CA VAL A 419 2.00 7.70 12.83
C VAL A 419 2.28 6.54 13.79
N SER A 420 2.61 6.87 15.03
CA SER A 420 2.77 5.88 16.09
CA SER A 420 2.76 5.88 16.09
C SER A 420 1.55 5.96 17.02
N THR A 421 0.81 4.87 17.12
CA THR A 421 -0.45 4.91 17.87
C THR A 421 -0.78 3.50 18.36
N PRO A 422 -1.41 3.37 19.54
CA PRO A 422 -1.61 2.04 20.13
C PRO A 422 -2.58 1.21 19.32
N VAL A 423 -2.29 -0.09 19.22
CA VAL A 423 -3.21 -1.08 18.67
C VAL A 423 -3.09 -2.36 19.49
N GLU A 424 -4.13 -3.19 19.43
CA GLU A 424 -4.12 -4.42 20.22
C GLU A 424 -4.61 -5.64 19.44
N ASN A 425 -5.79 -5.58 18.83
CA ASN A 425 -6.35 -6.79 18.22
C ASN A 425 -5.99 -6.84 16.74
N PRO A 426 -6.19 -8.01 16.11
CA PRO A 426 -5.70 -8.16 14.74
C PRO A 426 -6.32 -7.19 13.76
N ALA A 427 -7.59 -6.82 13.93
CA ALA A 427 -8.19 -5.85 13.02
C ALA A 427 -7.51 -4.50 13.13
N GLN A 428 -7.26 -4.03 14.36
CA GLN A 428 -6.56 -2.78 14.52
C GLN A 428 -5.15 -2.84 13.94
N ILE A 429 -4.47 -3.97 14.12
CA ILE A 429 -3.13 -4.11 13.59
C ILE A 429 -3.16 -4.01 12.06
N ARG A 430 -4.10 -4.72 11.42
CA ARG A 430 -4.18 -4.63 9.97
C ARG A 430 -4.48 -3.19 9.51
N GLU A 431 -5.24 -2.45 10.31
CA GLU A 431 -5.53 -1.05 9.98
C GLU A 431 -4.28 -0.19 9.98
N MET A 432 -3.19 -0.64 10.60
CA MET A 432 -1.96 0.15 10.57
C MET A 432 -1.28 0.11 9.22
N PHE A 433 -1.66 -0.81 8.33
CA PHE A 433 -1.05 -0.86 7.00
C PHE A 433 -1.79 0.11 6.08
N ASP A 434 -1.61 1.40 6.35
CA ASP A 434 -2.41 2.42 5.68
C ASP A 434 -1.52 3.55 5.19
N ASP A 435 -2.14 4.56 4.57
CA ASP A 435 -1.35 5.64 3.98
C ASP A 435 -0.62 6.48 5.02
N VAL A 436 -1.07 6.49 6.28
CA VAL A 436 -0.29 7.16 7.32
C VAL A 436 1.04 6.44 7.56
N SER A 437 0.99 5.11 7.79
CA SER A 437 2.24 4.36 7.99
C SER A 437 3.14 4.40 6.77
N TYR A 438 2.57 4.22 5.57
CA TYR A 438 3.41 4.15 4.38
C TYR A 438 3.81 5.54 3.89
N ASP A 439 2.82 6.37 3.55
CA ASP A 439 3.11 7.59 2.82
C ASP A 439 3.51 8.72 3.75
N LYS A 440 2.74 8.98 4.82
CA LYS A 440 3.21 9.95 5.80
C LYS A 440 4.54 9.52 6.38
N GLY A 441 4.67 8.23 6.72
CA GLY A 441 5.95 7.73 7.21
C GLY A 441 7.10 8.07 6.28
N ALA A 442 6.96 7.77 4.99
CA ALA A 442 8.04 8.08 4.07
C ALA A 442 8.23 9.59 3.95
N CYS A 443 7.13 10.35 3.97
CA CYS A 443 7.23 11.78 3.77
CA CYS A 443 7.22 11.79 3.78
C CYS A 443 7.94 12.45 4.93
N ILE A 444 7.66 12.04 6.17
CA ILE A 444 8.34 12.72 7.27
C ILE A 444 9.80 12.29 7.33
N LEU A 445 10.13 11.08 6.84
CA LEU A 445 11.53 10.70 6.70
C LEU A 445 12.23 11.57 5.66
N ASN A 446 11.58 11.80 4.52
CA ASN A 446 12.17 12.68 3.51
C ASN A 446 12.38 14.07 4.07
N MET A 447 11.39 14.60 4.77
CA MET A 447 11.52 15.90 5.41
C MET A 447 12.72 15.93 6.36
N LEU A 448 12.86 14.88 7.19
CA LEU A 448 13.96 14.85 8.15
C LEU A 448 15.31 14.75 7.44
N ARG A 449 15.36 14.00 6.35
CA ARG A 449 16.62 13.86 5.62
C ARG A 449 17.04 15.18 5.00
N GLU A 450 16.08 15.93 4.45
CA GLU A 450 16.40 17.25 3.92
C GLU A 450 16.88 18.17 5.02
N TYR A 451 16.29 18.04 6.21
CA TYR A 451 16.66 18.92 7.32
C TYR A 451 18.06 18.60 7.82
N LEU A 452 18.36 17.32 8.05
CA LEU A 452 19.67 16.92 8.57
C LEU A 452 20.75 16.93 7.51
N SER A 453 20.39 16.77 6.24
CA SER A 453 21.26 16.49 5.11
C SER A 453 21.37 14.98 4.90
N ALA A 454 21.54 14.57 3.65
CA ALA A 454 21.52 13.14 3.33
C ALA A 454 22.65 12.38 4.04
N ASP A 455 23.85 12.96 4.10
CA ASP A 455 24.97 12.24 4.70
C ASP A 455 24.77 12.02 6.20
N ALA A 456 24.28 13.04 6.90
CA ALA A 456 24.05 12.86 8.34
C ALA A 456 22.90 11.90 8.58
N PHE A 457 21.83 12.02 7.78
CA PHE A 457 20.71 11.08 7.86
C PHE A 457 21.19 9.64 7.63
N LYS A 458 21.96 9.42 6.56
CA LYS A 458 22.45 8.08 6.27
C LYS A 458 23.30 7.52 7.42
N SER A 459 24.20 8.34 7.98
CA SER A 459 25.01 7.86 9.10
C SER A 459 24.14 7.40 10.25
N GLY A 460 23.04 8.12 10.51
CA GLY A 460 22.15 7.71 11.58
C GLY A 460 21.47 6.38 11.28
N ILE A 461 21.00 6.21 10.05
CA ILE A 461 20.31 4.98 9.65
C ILE A 461 21.25 3.79 9.73
N VAL A 462 22.50 3.97 9.33
CA VAL A 462 23.46 2.86 9.37
C VAL A 462 23.73 2.45 10.80
N GLN A 463 23.89 3.42 11.70
CA GLN A 463 24.11 3.11 13.11
C GLN A 463 22.90 2.41 13.70
N TYR A 464 21.70 2.89 13.35
CA TYR A 464 20.45 2.28 13.78
C TYR A 464 20.38 0.80 13.35
N LEU A 465 20.67 0.53 12.08
CA LEU A 465 20.59 -0.84 11.58
C LEU A 465 21.63 -1.74 12.22
N GLN A 466 22.84 -1.24 12.42
CA GLN A 466 23.89 -2.03 13.06
C GLN A 466 23.57 -2.30 14.53
N LYS A 467 23.12 -1.28 15.26
CA LYS A 467 22.88 -1.47 16.69
C LYS A 467 21.75 -2.44 16.95
N HIS A 468 20.71 -2.44 16.12
CA HIS A 468 19.49 -3.19 16.39
C HIS A 468 19.32 -4.39 15.48
N SER A 469 20.40 -4.82 14.80
CA SER A 469 20.37 -6.02 13.98
C SER A 469 19.86 -7.23 14.77
N TYR A 470 18.95 -7.97 14.14
CA TYR A 470 18.33 -9.16 14.73
C TYR A 470 17.63 -8.87 16.03
N LYS A 471 17.20 -7.63 16.22
CA LYS A 471 16.46 -7.20 17.40
C LYS A 471 15.26 -6.35 16.98
N ASN A 472 14.64 -5.66 17.94
CA ASN A 472 13.43 -4.88 17.67
C ASN A 472 13.61 -3.47 18.17
N THR A 473 12.87 -2.54 17.55
CA THR A 473 13.05 -1.11 17.82
C THR A 473 11.71 -0.43 18.08
N LYS A 474 11.80 0.69 18.79
CA LYS A 474 10.70 1.61 19.02
C LYS A 474 11.00 2.95 18.35
N ASN A 475 9.94 3.74 18.19
CA ASN A 475 10.04 5.12 17.72
C ASN A 475 11.28 5.80 18.31
N GLU A 476 11.43 5.71 19.62
CA GLU A 476 12.49 6.47 20.29
C GLU A 476 13.88 5.97 19.93
N ASP A 477 14.02 4.68 19.61
CA ASP A 477 15.34 4.17 19.23
C ASP A 477 15.84 4.86 17.97
N LEU A 478 14.93 5.13 17.03
CA LEU A 478 15.34 5.78 15.79
C LEU A 478 15.86 7.18 16.06
N TRP A 479 15.14 7.98 16.86
CA TRP A 479 15.60 9.33 17.14
C TRP A 479 16.95 9.31 17.86
N ASP A 480 17.12 8.37 18.79
CA ASP A 480 18.41 8.25 19.48
C ASP A 480 19.54 8.01 18.49
N SER A 481 19.33 7.14 17.50
CA SER A 481 20.40 6.87 16.53
C SER A 481 20.67 8.09 15.67
N MET A 482 19.62 8.81 15.27
CA MET A 482 19.83 10.00 14.45
C MET A 482 20.58 11.07 15.22
N ALA A 483 20.25 11.25 16.50
CA ALA A 483 20.90 12.29 17.29
C ALA A 483 22.36 11.97 17.60
N SER A 484 22.74 10.69 17.61
N SER A 484 22.74 10.68 17.60
CA SER A 484 24.12 10.33 17.94
CA SER A 484 24.12 10.32 17.94
C SER A 484 25.13 10.91 16.95
C SER A 484 25.13 10.79 16.92
N ILE A 485 24.68 11.27 15.75
CA ILE A 485 25.58 11.70 14.68
C ILE A 485 26.14 13.09 14.92
N VAL A 515 21.61 18.72 17.66
CA VAL A 515 20.27 18.86 17.07
C VAL A 515 19.29 17.91 17.77
N ASP A 516 18.20 18.50 18.28
CA ASP A 516 17.19 17.75 19.04
C ASP A 516 16.20 17.13 18.06
N VAL A 517 16.64 16.02 17.46
CA VAL A 517 15.79 15.28 16.52
C VAL A 517 14.57 14.71 17.23
N LYS A 518 14.74 14.29 18.49
CA LYS A 518 13.66 13.61 19.19
C LYS A 518 12.46 14.53 19.42
N THR A 519 12.68 15.73 19.96
CA THR A 519 11.55 16.61 20.17
C THR A 519 10.86 16.94 18.85
N MET A 520 11.65 17.24 17.82
CA MET A 520 11.07 17.57 16.52
C MET A 520 10.26 16.39 15.98
N MET A 521 10.85 15.20 15.94
CA MET A 521 10.17 14.09 15.29
C MET A 521 9.04 13.53 16.14
N ASN A 522 9.05 13.79 17.46
CA ASN A 522 7.88 13.43 18.23
C ASN A 522 6.67 14.24 17.79
N THR A 523 6.85 15.50 17.36
CA THR A 523 5.67 16.26 16.94
C THR A 523 5.08 15.67 15.65
N TRP A 524 5.90 15.03 14.82
CA TRP A 524 5.43 14.46 13.55
C TRP A 524 4.96 13.03 13.68
N THR A 525 5.28 12.33 14.78
CA THR A 525 4.85 10.94 14.92
C THR A 525 3.82 10.71 16.00
N LEU A 526 3.65 11.64 16.94
CA LEU A 526 2.77 11.40 18.06
C LEU A 526 1.51 12.26 18.04
N GLN A 527 1.40 13.19 17.11
CA GLN A 527 0.18 13.94 16.82
C GLN A 527 -0.30 13.58 15.43
N LYS A 528 -1.61 13.45 15.26
CA LYS A 528 -2.11 13.26 13.91
C LYS A 528 -2.05 14.59 13.16
N GLY A 529 -2.20 14.51 11.83
CA GLY A 529 -2.42 15.67 11.02
C GLY A 529 -1.17 16.47 10.68
N PHE A 530 -1.40 17.69 10.21
CA PHE A 530 -0.30 18.52 9.75
C PHE A 530 -0.69 19.97 9.90
N PRO A 531 0.29 20.88 9.92
CA PRO A 531 -0.01 22.31 10.10
C PRO A 531 -0.31 23.03 8.79
N LEU A 532 -1.17 24.04 8.90
CA LEU A 532 -1.21 25.12 7.93
C LEU A 532 -0.23 26.20 8.36
N ILE A 533 0.69 26.56 7.45
CA ILE A 533 1.64 27.64 7.68
C ILE A 533 1.10 28.86 6.95
N THR A 534 0.84 29.94 7.68
CA THR A 534 0.34 31.16 7.06
C THR A 534 1.45 32.20 6.97
N ILE A 535 1.59 32.81 5.78
CA ILE A 535 2.69 33.71 5.45
C ILE A 535 2.14 35.12 5.24
N THR A 536 2.68 36.09 5.97
CA THR A 536 2.29 37.49 5.87
C THR A 536 3.55 38.33 5.70
N VAL A 537 3.65 39.08 4.59
CA VAL A 537 4.86 39.81 4.27
C VAL A 537 4.57 41.30 4.40
N ARG A 538 5.45 42.00 5.11
CA ARG A 538 5.39 43.45 5.23
C ARG A 538 6.79 43.93 4.85
N GLY A 539 6.96 44.34 3.59
CA GLY A 539 8.25 44.77 3.12
C GLY A 539 9.21 43.60 3.19
N ARG A 540 10.31 43.76 3.92
CA ARG A 540 11.27 42.68 4.05
C ARG A 540 10.91 41.71 5.17
N ASN A 541 9.88 42.01 5.95
CA ASN A 541 9.55 41.21 7.13
C ASN A 541 8.57 40.11 6.75
N VAL A 542 8.98 38.86 6.96
CA VAL A 542 8.19 37.68 6.56
C VAL A 542 7.70 37.01 7.84
N HIS A 543 6.43 37.21 8.17
CA HIS A 543 5.82 36.66 9.37
C HIS A 543 5.25 35.28 9.06
N MET A 544 5.46 34.35 9.97
CA MET A 544 5.04 32.96 9.81
C MET A 544 4.18 32.56 10.99
N LYS A 545 3.12 31.78 10.73
CA LYS A 545 2.24 31.29 11.79
C LYS A 545 1.92 29.84 11.49
N GLN A 546 1.84 28.99 12.51
CA GLN A 546 1.42 27.62 12.30
C GLN A 546 0.12 27.37 13.05
N GLU A 547 -0.80 26.66 12.40
CA GLU A 547 -1.99 26.22 13.09
C GLU A 547 -2.40 24.88 12.51
N HIS A 548 -3.24 24.18 13.23
CA HIS A 548 -3.54 22.81 12.87
C HIS A 548 -4.58 22.78 11.74
N TYR A 549 -4.25 22.11 10.62
CA TYR A 549 -5.17 22.03 9.50
C TYR A 549 -6.28 21.00 9.77
N MET A 550 -7.54 21.48 9.91
CA MET A 550 -8.71 20.71 10.33
C MET A 550 -9.90 20.94 9.41
N LYS A 551 -10.33 19.90 8.68
CA LYS A 551 -11.21 20.06 7.52
C LYS A 551 -12.65 20.36 7.92
N GLY A 552 -13.30 21.21 7.11
CA GLY A 552 -14.63 21.72 7.39
C GLY A 552 -14.65 23.17 7.83
N SER A 553 -13.47 23.76 8.05
CA SER A 553 -13.31 25.16 8.43
C SER A 553 -13.56 25.33 9.93
N ALA A 556 -11.28 28.74 12.61
CA ALA A 556 -9.84 28.48 12.53
C ALA A 556 -9.15 27.92 13.81
N PRO A 557 -9.88 27.70 14.90
CA PRO A 557 -9.22 27.26 16.13
C PRO A 557 -9.17 25.74 16.26
N ASP A 558 -8.08 25.25 16.84
CA ASP A 558 -7.88 23.82 17.01
C ASP A 558 -7.23 23.54 18.37
N THR A 559 -7.01 22.24 18.63
CA THR A 559 -6.59 21.71 19.92
C THR A 559 -5.16 22.06 20.31
N GLY A 560 -4.66 23.20 19.82
CA GLY A 560 -3.32 23.63 20.22
C GLY A 560 -2.20 22.71 19.79
N TYR A 561 -2.39 21.95 18.71
CA TYR A 561 -1.27 21.20 18.13
C TYR A 561 -0.13 22.15 17.78
N LEU A 562 1.10 21.64 17.90
CA LEU A 562 2.30 22.41 17.59
C LEU A 562 3.36 21.46 17.06
N TRP A 563 4.04 21.89 15.98
CA TRP A 563 5.10 21.13 15.34
C TRP A 563 6.42 21.91 15.32
N HIS A 564 7.53 21.18 15.21
CA HIS A 564 8.81 21.77 14.79
C HIS A 564 8.88 21.61 13.29
N VAL A 565 8.68 22.70 12.56
CA VAL A 565 8.44 22.60 11.12
C VAL A 565 9.68 23.11 10.38
N PRO A 566 10.38 22.27 9.64
CA PRO A 566 11.52 22.75 8.86
C PRO A 566 11.02 23.44 7.59
N LEU A 567 10.79 24.74 7.65
CA LEU A 567 10.30 25.47 6.49
C LEU A 567 11.40 25.67 5.46
N THR A 568 11.00 25.77 4.19
CA THR A 568 11.93 26.17 3.14
C THR A 568 11.23 27.20 2.27
N PHE A 569 12.00 28.08 1.64
CA PHE A 569 11.40 29.00 0.69
C PHE A 569 12.41 29.45 -0.36
N ILE A 570 11.86 29.92 -1.48
CA ILE A 570 12.58 30.65 -2.52
C ILE A 570 11.84 31.96 -2.76
N THR A 571 12.49 32.85 -3.48
CA THR A 571 11.92 34.16 -3.76
C THR A 571 12.21 34.56 -5.19
N SER A 572 11.59 35.66 -5.61
CA SER A 572 11.88 36.22 -6.93
C SER A 572 13.35 36.63 -7.09
N LYS A 573 14.06 36.83 -5.99
CA LYS A 573 15.46 37.26 -6.03
C LYS A 573 16.45 36.15 -5.70
N SER A 574 15.99 34.98 -5.27
CA SER A 574 16.91 33.90 -4.89
C SER A 574 16.24 32.56 -5.08
N ASP A 575 16.80 31.71 -5.97
CA ASP A 575 16.30 30.35 -6.05
C ASP A 575 17.20 29.38 -5.29
N MET A 576 18.07 29.89 -4.42
CA MET A 576 18.64 29.05 -3.38
C MET A 576 17.54 28.65 -2.40
N VAL A 577 17.56 27.39 -1.96
CA VAL A 577 16.58 26.98 -0.95
C VAL A 577 17.00 27.55 0.40
N HIS A 578 16.17 28.42 0.96
CA HIS A 578 16.38 28.99 2.27
C HIS A 578 15.60 28.20 3.32
N ARG A 579 16.15 28.11 4.53
CA ARG A 579 15.60 27.24 5.55
CA ARG A 579 15.64 27.23 5.57
C ARG A 579 15.32 28.02 6.83
N PHE A 580 14.21 27.68 7.48
CA PHE A 580 13.83 28.33 8.72
C PHE A 580 13.11 27.31 9.58
N LEU A 581 13.59 27.07 10.80
CA LEU A 581 12.94 26.09 11.67
C LEU A 581 11.93 26.81 12.55
N LEU A 582 10.65 26.60 12.24
CA LEU A 582 9.55 27.17 13.02
C LEU A 582 9.19 26.20 14.13
N LYS A 583 9.45 26.61 15.38
CA LYS A 583 9.24 25.77 16.56
C LYS A 583 8.11 26.28 17.42
N THR A 584 7.53 27.43 17.07
CA THR A 584 6.57 28.12 17.90
C THR A 584 5.35 28.46 17.06
N LYS A 585 4.31 28.93 17.72
CA LYS A 585 3.10 29.32 16.98
C LYS A 585 3.41 30.42 15.95
N THR A 586 4.22 31.41 16.31
CA THR A 586 4.56 32.49 15.39
C THR A 586 6.05 32.78 15.41
N ASP A 587 6.54 33.35 14.32
CA ASP A 587 7.94 33.78 14.24
C ASP A 587 8.07 34.68 13.02
N VAL A 588 9.28 35.19 12.80
CA VAL A 588 9.49 36.08 11.68
C VAL A 588 10.93 35.93 11.20
N LEU A 589 11.14 36.19 9.91
CA LEU A 589 12.47 36.29 9.34
C LEU A 589 12.52 37.55 8.48
N ILE A 590 13.73 38.07 8.25
CA ILE A 590 13.93 39.32 7.56
C ILE A 590 14.67 39.04 6.25
N LEU A 591 14.03 39.35 5.13
CA LEU A 591 14.70 39.18 3.84
C LEU A 591 15.78 40.24 3.65
N PRO A 592 16.83 39.92 2.91
CA PRO A 592 17.90 40.92 2.68
C PRO A 592 17.44 42.09 1.83
N GLU A 593 16.52 41.87 0.91
CA GLU A 593 15.97 42.91 0.04
C GLU A 593 14.53 42.55 -0.27
N GLU A 594 13.73 43.56 -0.58
CA GLU A 594 12.34 43.28 -0.90
C GLU A 594 12.23 42.47 -2.18
N VAL A 595 11.22 41.60 -2.23
CA VAL A 595 11.02 40.67 -3.32
C VAL A 595 9.63 40.86 -3.94
N GLU A 596 9.49 40.35 -5.17
CA GLU A 596 8.19 40.40 -5.85
C GLU A 596 7.27 39.26 -5.44
N TRP A 597 7.85 38.14 -5.00
CA TRP A 597 7.05 37.01 -4.55
C TRP A 597 7.95 36.11 -3.71
N ILE A 598 7.32 35.29 -2.88
CA ILE A 598 8.01 34.29 -2.07
C ILE A 598 7.18 33.01 -2.13
N LYS A 599 7.85 31.87 -2.11
CA LYS A 599 7.14 30.60 -2.23
C LYS A 599 7.75 29.62 -1.25
N PHE A 600 6.93 29.16 -0.29
CA PHE A 600 7.35 28.24 0.75
C PHE A 600 7.08 26.79 0.36
N ASN A 601 7.78 25.89 1.04
CA ASN A 601 7.72 24.44 0.83
C ASN A 601 8.26 24.07 -0.54
N VAL A 602 9.58 24.25 -0.70
CA VAL A 602 10.21 24.15 -2.00
C VAL A 602 10.23 22.69 -2.44
N GLY A 603 9.72 22.42 -3.64
CA GLY A 603 9.60 21.05 -4.09
C GLY A 603 8.60 20.21 -3.33
N MET A 604 7.85 20.79 -2.40
CA MET A 604 6.90 20.05 -1.58
C MET A 604 7.59 18.98 -0.76
N ASN A 605 8.75 19.32 -0.19
CA ASN A 605 9.49 18.37 0.62
C ASN A 605 9.06 18.37 2.09
N GLY A 606 8.23 19.31 2.51
CA GLY A 606 7.78 19.38 3.89
C GLY A 606 6.33 18.92 4.02
N TYR A 607 6.01 18.31 5.16
CA TYR A 607 4.66 17.78 5.37
C TYR A 607 3.80 18.86 6.03
N TYR A 608 3.46 19.86 5.21
CA TYR A 608 2.66 20.99 5.64
C TYR A 608 2.13 21.71 4.41
N ILE A 609 1.12 22.55 4.63
CA ILE A 609 0.55 23.34 3.55
C ILE A 609 0.68 24.81 3.91
N VAL A 610 0.52 25.66 2.91
CA VAL A 610 0.86 27.07 3.05
C VAL A 610 -0.28 27.94 2.58
N HIS A 611 -0.60 28.96 3.37
CA HIS A 611 -1.51 30.02 2.95
C HIS A 611 -0.76 31.36 2.94
N TYR A 612 -1.07 32.19 1.95
CA TYR A 612 -0.46 33.50 1.80
C TYR A 612 -1.53 34.56 2.02
N GLU A 613 -1.29 35.47 2.96
CA GLU A 613 -2.30 36.48 3.21
C GLU A 613 -2.19 37.63 2.20
N ASP A 614 -3.17 38.53 2.25
CA ASP A 614 -3.15 39.77 1.45
C ASP A 614 -3.19 39.39 -0.03
N ASP A 615 -2.27 39.90 -0.85
CA ASP A 615 -2.24 39.69 -2.28
C ASP A 615 -1.48 38.41 -2.68
N GLY A 616 -1.05 37.60 -1.71
CA GLY A 616 -0.18 36.47 -2.01
C GLY A 616 -0.71 35.54 -3.09
N TRP A 617 -1.97 35.09 -2.96
CA TRP A 617 -2.47 34.11 -3.92
C TRP A 617 -2.74 34.74 -5.28
N ASP A 618 -3.26 35.97 -5.30
CA ASP A 618 -3.36 36.71 -6.56
C ASP A 618 -2.01 36.77 -7.25
N SER A 619 -0.97 37.06 -6.48
CA SER A 619 0.37 37.26 -7.04
C SER A 619 0.98 35.94 -7.51
N LEU A 620 0.84 34.86 -6.74
CA LEU A 620 1.34 33.57 -7.20
C LEU A 620 0.53 33.06 -8.38
N THR A 621 -0.74 33.43 -8.47
CA THR A 621 -1.53 33.06 -9.63
C THR A 621 -1.01 33.77 -10.89
N GLY A 622 -0.72 35.06 -10.78
CA GLY A 622 -0.14 35.77 -11.92
C GLY A 622 1.20 35.19 -12.32
N LEU A 623 1.99 34.77 -11.33
CA LEU A 623 3.24 34.09 -11.64
C LEU A 623 3.00 32.84 -12.49
N LEU A 624 2.06 32.00 -12.07
CA LEU A 624 1.77 30.79 -12.85
C LEU A 624 1.24 31.11 -14.23
N LYS A 625 0.47 32.18 -14.37
CA LYS A 625 -0.10 32.46 -15.68
C LYS A 625 0.87 33.20 -16.59
N GLY A 626 1.84 33.92 -16.04
CA GLY A 626 2.77 34.65 -16.88
C GLY A 626 3.96 33.81 -17.29
N THR A 627 4.83 33.53 -16.33
CA THR A 627 5.99 32.65 -16.50
C THR A 627 5.87 31.51 -15.51
N HIS A 628 4.96 30.56 -15.77
CA HIS A 628 4.85 29.46 -14.82
C HIS A 628 6.17 28.71 -14.65
N THR A 629 7.16 28.96 -15.49
CA THR A 629 8.49 28.38 -15.38
C THR A 629 9.35 29.05 -14.31
N ALA A 630 8.84 30.09 -13.63
CA ALA A 630 9.62 30.70 -12.55
C ALA A 630 9.81 29.74 -11.38
N VAL A 631 8.90 28.78 -11.20
CA VAL A 631 9.08 27.75 -10.19
C VAL A 631 8.99 26.40 -10.86
N SER A 632 9.45 25.36 -10.15
CA SER A 632 9.58 24.02 -10.70
C SER A 632 8.21 23.37 -10.92
N SER A 633 8.21 22.28 -11.68
CA SER A 633 6.97 21.55 -11.92
CA SER A 633 6.97 21.55 -11.92
C SER A 633 6.32 21.09 -10.62
N ASN A 634 7.14 20.59 -9.68
CA ASN A 634 6.53 20.13 -8.43
C ASN A 634 6.11 21.30 -7.56
N ASP A 635 6.79 22.45 -7.67
CA ASP A 635 6.27 23.62 -6.97
C ASP A 635 4.95 24.08 -7.55
N ARG A 636 4.77 23.98 -8.88
CA ARG A 636 3.47 24.31 -9.44
C ARG A 636 2.40 23.34 -8.94
N ALA A 637 2.71 22.05 -8.92
CA ALA A 637 1.73 21.08 -8.42
C ALA A 637 1.39 21.37 -6.96
N SER A 638 2.38 21.80 -6.17
CA SER A 638 2.11 22.07 -4.76
C SER A 638 1.17 23.25 -4.60
N LEU A 639 1.29 24.24 -5.48
CA LEU A 639 0.38 25.39 -5.41
C LEU A 639 -1.04 24.99 -5.79
N ILE A 640 -1.20 24.14 -6.81
CA ILE A 640 -2.53 23.67 -7.17
C ILE A 640 -3.17 22.95 -6.00
N ASN A 641 -2.44 22.00 -5.42
CA ASN A 641 -2.99 21.23 -4.31
C ASN A 641 -3.37 22.13 -3.15
N ASN A 642 -2.44 22.99 -2.72
CA ASN A 642 -2.68 23.80 -1.53
C ASN A 642 -3.87 24.74 -1.73
N ALA A 643 -3.99 25.33 -2.91
CA ALA A 643 -5.11 26.23 -3.15
C ALA A 643 -6.44 25.53 -2.93
N PHE A 644 -6.59 24.31 -3.44
CA PHE A 644 -7.88 23.64 -3.22
C PHE A 644 -8.04 23.13 -1.80
N GLN A 645 -6.95 22.77 -1.11
CA GLN A 645 -7.09 22.43 0.31
C GLN A 645 -7.58 23.64 1.11
N LEU A 646 -7.15 24.84 0.72
CA LEU A 646 -7.56 26.02 1.47
C LEU A 646 -9.03 26.34 1.25
N VAL A 647 -9.61 25.91 0.13
CA VAL A 647 -11.04 26.09 -0.07
C VAL A 647 -11.83 25.40 1.03
N SER A 648 -11.45 24.16 1.37
CA SER A 648 -12.21 23.36 2.32
C SER A 648 -12.11 23.87 3.75
N ILE A 649 -11.19 24.78 4.07
CA ILE A 649 -11.15 25.41 5.39
C ILE A 649 -11.49 26.89 5.33
N GLY A 650 -12.04 27.36 4.21
CA GLY A 650 -12.49 28.73 4.11
C GLY A 650 -11.42 29.81 4.03
N LYS A 651 -10.18 29.47 3.66
CA LYS A 651 -9.11 30.45 3.55
C LYS A 651 -8.96 31.02 2.14
N LEU A 652 -9.55 30.36 1.16
CA LEU A 652 -9.53 30.77 -0.23
C LEU A 652 -10.87 30.38 -0.84
N SER A 653 -11.43 31.27 -1.67
CA SER A 653 -12.70 30.96 -2.31
C SER A 653 -12.50 29.92 -3.41
N ILE A 654 -13.54 29.13 -3.65
CA ILE A 654 -13.49 28.16 -4.75
C ILE A 654 -13.19 28.88 -6.06
N GLU A 655 -13.74 30.09 -6.22
CA GLU A 655 -13.50 30.82 -7.46
C GLU A 655 -12.03 31.18 -7.64
N LYS A 656 -11.37 31.62 -6.57
CA LYS A 656 -9.95 31.94 -6.67
C LYS A 656 -9.11 30.69 -6.97
N ALA A 657 -9.49 29.55 -6.40
CA ALA A 657 -8.76 28.32 -6.69
C ALA A 657 -8.97 27.88 -8.13
N LEU A 658 -10.22 27.93 -8.60
CA LEU A 658 -10.48 27.61 -10.01
C LEU A 658 -9.79 28.61 -10.94
N ASP A 659 -9.72 29.89 -10.55
CA ASP A 659 -8.98 30.86 -11.36
C ASP A 659 -7.52 30.45 -11.48
N LEU A 660 -6.92 30.00 -10.38
CA LEU A 660 -5.54 29.54 -10.43
C LEU A 660 -5.39 28.37 -11.39
N SER A 661 -6.33 27.42 -11.35
CA SER A 661 -6.24 26.22 -12.17
C SER A 661 -6.27 26.53 -13.66
N LEU A 662 -6.75 27.71 -14.05
CA LEU A 662 -6.76 28.08 -15.46
C LEU A 662 -5.36 28.16 -16.06
N TYR A 663 -4.33 28.39 -15.23
CA TYR A 663 -2.97 28.40 -15.79
C TYR A 663 -2.63 27.07 -16.45
N LEU A 664 -3.30 25.98 -16.06
CA LEU A 664 -3.04 24.66 -16.65
C LEU A 664 -3.25 24.63 -18.16
N LYS A 665 -3.94 25.63 -18.73
CA LYS A 665 -4.07 25.74 -20.17
C LYS A 665 -2.72 25.62 -20.88
N HIS A 666 -1.64 26.08 -20.26
CA HIS A 666 -0.31 26.05 -20.85
C HIS A 666 0.64 25.11 -20.13
N GLU A 667 0.14 24.24 -19.25
CA GLU A 667 1.00 23.31 -18.55
C GLU A 667 1.33 22.10 -19.41
N THR A 668 2.57 21.64 -19.32
CA THR A 668 3.04 20.49 -20.07
C THR A 668 3.49 19.30 -19.23
N GLU A 669 3.77 19.50 -17.94
CA GLU A 669 4.46 18.49 -17.15
C GLU A 669 3.49 17.59 -16.38
N ILE A 670 3.87 16.32 -16.24
CA ILE A 670 2.93 15.30 -15.77
C ILE A 670 2.49 15.58 -14.34
N MET A 671 3.40 16.00 -13.44
CA MET A 671 2.98 16.13 -12.04
C MET A 671 1.96 17.23 -11.86
N PRO A 672 2.18 18.46 -12.32
CA PRO A 672 1.12 19.47 -12.18
C PRO A 672 -0.16 19.12 -12.96
N VAL A 673 -0.04 18.53 -14.16
CA VAL A 673 -1.27 18.13 -14.85
C VAL A 673 -2.04 17.11 -14.02
N PHE A 674 -1.35 16.08 -13.54
CA PHE A 674 -2.01 15.06 -12.73
C PHE A 674 -2.54 15.66 -11.44
N GLN A 675 -1.80 16.61 -10.85
CA GLN A 675 -2.32 17.24 -9.64
C GLN A 675 -3.60 18.02 -9.94
N GLY A 676 -3.66 18.69 -11.09
CA GLY A 676 -4.89 19.37 -11.46
C GLY A 676 -6.06 18.40 -11.56
N LEU A 677 -5.83 17.27 -12.23
CA LEU A 677 -6.85 16.24 -12.31
C LEU A 677 -7.26 15.74 -10.93
N ASN A 678 -6.28 15.58 -10.03
CA ASN A 678 -6.58 15.07 -8.69
C ASN A 678 -7.47 16.01 -7.91
N GLU A 679 -7.40 17.31 -8.19
CA GLU A 679 -8.24 18.27 -7.50
C GLU A 679 -9.58 18.46 -8.18
N LEU A 680 -9.63 18.38 -9.51
CA LEU A 680 -10.85 18.73 -10.23
C LEU A 680 -11.77 17.52 -10.48
N ILE A 681 -11.21 16.35 -10.80
CA ILE A 681 -12.06 15.18 -11.04
C ILE A 681 -12.96 14.89 -9.85
N PRO A 682 -12.48 14.85 -8.62
CA PRO A 682 -13.38 14.56 -7.51
C PRO A 682 -14.60 15.47 -7.47
N MET A 683 -14.50 16.70 -7.97
CA MET A 683 -15.64 17.61 -7.95
C MET A 683 -16.77 17.08 -8.82
N TYR A 684 -16.45 16.62 -10.03
CA TYR A 684 -17.56 16.09 -10.81
C TYR A 684 -17.93 14.67 -10.42
N LYS A 685 -17.06 13.94 -9.71
CA LYS A 685 -17.52 12.66 -9.17
C LYS A 685 -18.62 12.87 -8.14
N LEU A 686 -18.53 13.95 -7.36
CA LEU A 686 -19.62 14.26 -6.46
C LEU A 686 -20.89 14.59 -7.24
N MET A 687 -20.76 15.39 -8.30
CA MET A 687 -21.92 15.78 -9.09
C MET A 687 -22.59 14.58 -9.74
N GLU A 688 -21.79 13.59 -10.15
CA GLU A 688 -22.34 12.43 -10.85
C GLU A 688 -23.36 11.70 -10.00
N LYS A 689 -23.20 11.76 -8.69
CA LYS A 689 -24.09 11.03 -7.80
C LYS A 689 -25.27 11.88 -7.36
N ARG A 690 -25.44 13.06 -7.95
CA ARG A 690 -26.54 13.98 -7.65
C ARG A 690 -27.32 14.26 -8.92
N ASP A 691 -28.42 15.00 -8.75
CA ASP A 691 -29.23 15.49 -9.86
C ASP A 691 -28.61 16.81 -10.34
N MET A 692 -27.50 16.68 -11.06
CA MET A 692 -26.69 17.86 -11.40
C MET A 692 -26.12 17.72 -12.81
N ASN A 693 -26.88 17.16 -13.74
CA ASN A 693 -26.23 16.77 -15.00
C ASN A 693 -25.76 17.97 -15.79
N GLU A 694 -26.46 19.11 -15.70
CA GLU A 694 -26.06 20.26 -16.49
C GLU A 694 -24.75 20.87 -15.99
N VAL A 695 -24.64 21.14 -14.69
CA VAL A 695 -23.36 21.64 -14.19
C VAL A 695 -22.27 20.57 -14.34
N GLU A 696 -22.61 19.30 -14.09
CA GLU A 696 -21.65 18.22 -14.28
C GLU A 696 -21.10 18.23 -15.71
N THR A 697 -21.99 18.35 -16.69
CA THR A 697 -21.57 18.35 -18.09
C THR A 697 -20.71 19.58 -18.41
N GLN A 698 -21.10 20.74 -17.93
CA GLN A 698 -20.31 21.95 -18.15
C GLN A 698 -18.94 21.85 -17.49
N PHE A 699 -18.90 21.29 -16.28
CA PHE A 699 -17.64 21.15 -15.58
C PHE A 699 -16.70 20.23 -16.35
N LYS A 700 -17.22 19.09 -16.82
CA LYS A 700 -16.36 18.19 -17.59
C LYS A 700 -15.91 18.85 -18.89
N ALA A 701 -16.80 19.61 -19.53
CA ALA A 701 -16.42 20.35 -20.73
C ALA A 701 -15.33 21.37 -20.42
N PHE A 702 -15.43 22.05 -19.28
CA PHE A 702 -14.36 22.94 -18.85
C PHE A 702 -13.04 22.20 -18.73
N LEU A 703 -13.06 21.02 -18.08
CA LEU A 703 -11.82 20.30 -17.86
C LEU A 703 -11.16 19.92 -19.18
N ILE A 704 -11.97 19.47 -20.15
CA ILE A 704 -11.40 19.07 -21.43
C ILE A 704 -10.87 20.28 -22.19
N ARG A 705 -11.61 21.40 -22.16
CA ARG A 705 -11.14 22.59 -22.84
C ARG A 705 -9.84 23.09 -22.22
N LEU A 706 -9.74 22.98 -20.89
CA LEU A 706 -8.52 23.37 -20.17
C LEU A 706 -7.31 22.62 -20.68
N LEU A 707 -7.45 21.31 -20.93
CA LEU A 707 -6.31 20.48 -21.31
C LEU A 707 -6.31 20.13 -22.79
N ARG A 708 -7.18 20.75 -23.61
CA ARG A 708 -7.39 20.28 -24.98
C ARG A 708 -6.10 20.37 -25.80
N ASP A 709 -5.34 21.45 -25.64
CA ASP A 709 -4.12 21.59 -26.43
C ASP A 709 -3.13 20.47 -26.12
N LEU A 710 -2.98 20.13 -24.84
CA LEU A 710 -2.09 19.02 -24.49
C LEU A 710 -2.64 17.70 -25.00
N ILE A 711 -3.97 17.50 -24.89
CA ILE A 711 -4.57 16.27 -25.41
C ILE A 711 -4.31 16.16 -26.90
N ASP A 712 -4.54 17.25 -27.63
CA ASP A 712 -4.42 17.25 -29.08
C ASP A 712 -2.99 16.93 -29.51
N LYS A 713 -1.98 17.26 -28.69
CA LYS A 713 -0.60 16.98 -29.09
C LYS A 713 -0.20 15.52 -28.89
N GLN A 714 -0.96 14.74 -28.13
CA GLN A 714 -0.56 13.37 -27.83
C GLN A 714 -0.55 12.54 -29.10
N THR A 715 0.51 11.74 -29.28
CA THR A 715 0.51 10.76 -30.34
C THR A 715 -0.09 9.46 -29.84
N TRP A 716 -0.60 8.67 -30.78
CA TRP A 716 -1.22 7.41 -30.43
C TRP A 716 -0.20 6.31 -30.67
N THR A 717 0.85 6.38 -29.85
CA THR A 717 2.02 5.51 -29.94
C THR A 717 2.48 5.16 -28.54
N ASP A 718 3.54 4.35 -28.47
CA ASP A 718 4.21 4.04 -27.21
C ASP A 718 5.54 4.77 -27.09
N GLU A 719 5.67 5.91 -27.76
CA GLU A 719 6.95 6.62 -27.82
C GLU A 719 7.20 7.41 -26.54
N GLY A 720 8.48 7.65 -26.27
CA GLY A 720 8.90 8.61 -25.26
C GLY A 720 9.29 7.96 -23.94
N SER A 721 9.54 8.83 -22.97
CA SER A 721 9.94 8.47 -21.61
C SER A 721 8.77 7.81 -20.88
N VAL A 722 9.07 7.20 -19.73
CA VAL A 722 8.00 6.66 -18.91
C VAL A 722 7.03 7.76 -18.53
N SER A 723 7.54 8.97 -18.26
CA SER A 723 6.67 10.09 -17.94
CA SER A 723 6.64 10.06 -17.92
C SER A 723 5.78 10.46 -19.11
N GLU A 724 6.36 10.53 -20.31
CA GLU A 724 5.54 10.87 -21.48
C GLU A 724 4.49 9.82 -21.75
N ARG A 725 4.82 8.55 -21.51
CA ARG A 725 3.88 7.48 -21.78
C ARG A 725 2.74 7.48 -20.77
N MET A 726 3.05 7.71 -19.49
CA MET A 726 1.99 7.73 -18.51
C MET A 726 1.07 8.93 -18.73
N LEU A 727 1.65 10.07 -19.10
CA LEU A 727 0.84 11.26 -19.38
C LEU A 727 -0.07 11.03 -20.58
N ARG A 728 0.49 10.43 -21.64
CA ARG A 728 -0.30 10.14 -22.84
C ARG A 728 -1.50 9.25 -22.50
N SER A 729 -1.23 8.14 -21.82
CA SER A 729 -2.29 7.18 -21.56
C SER A 729 -3.43 7.81 -20.78
N GLN A 730 -3.10 8.59 -19.74
CA GLN A 730 -4.15 9.16 -18.92
C GLN A 730 -4.92 10.25 -19.65
N LEU A 731 -4.24 11.05 -20.47
CA LEU A 731 -4.94 12.11 -21.20
C LEU A 731 -5.89 11.53 -22.25
N LEU A 732 -5.47 10.49 -22.96
CA LEU A 732 -6.36 9.92 -23.96
C LEU A 732 -7.55 9.23 -23.30
N LEU A 733 -7.31 8.53 -22.19
CA LEU A 733 -8.43 7.93 -21.46
C LEU A 733 -9.41 9.00 -21.00
N LEU A 734 -8.90 10.06 -20.38
CA LEU A 734 -9.75 11.16 -19.92
C LEU A 734 -10.60 11.72 -21.06
N ALA A 735 -9.95 12.01 -22.20
CA ALA A 735 -10.67 12.60 -23.32
C ALA A 735 -11.76 11.68 -23.82
N CYS A 736 -11.45 10.38 -23.94
CA CYS A 736 -12.45 9.43 -24.44
C CYS A 736 -13.60 9.28 -23.47
N VAL A 737 -13.29 9.18 -22.18
CA VAL A 737 -14.34 8.99 -21.18
C VAL A 737 -15.29 10.17 -21.17
N HIS A 738 -14.78 11.38 -21.39
CA HIS A 738 -15.63 12.56 -21.44
C HIS A 738 -16.13 12.89 -22.85
N ASN A 739 -16.03 11.96 -23.78
CA ASN A 739 -16.66 12.10 -25.10
C ASN A 739 -16.05 13.23 -25.93
N TYR A 740 -14.75 13.45 -25.79
CA TYR A 740 -14.05 14.36 -26.70
C TYR A 740 -13.98 13.71 -28.07
N GLN A 741 -14.76 14.20 -29.03
CA GLN A 741 -15.01 13.43 -30.24
C GLN A 741 -13.75 13.07 -31.02
N PRO A 742 -12.77 13.95 -31.20
CA PRO A 742 -11.57 13.52 -31.92
C PRO A 742 -10.92 12.29 -31.34
N CYS A 743 -10.86 12.19 -30.00
CA CYS A 743 -10.25 11.02 -29.40
C CYS A 743 -11.18 9.80 -29.47
N VAL A 744 -12.49 10.01 -29.26
CA VAL A 744 -13.44 8.90 -29.31
C VAL A 744 -13.40 8.25 -30.69
N GLN A 745 -13.38 9.05 -31.75
CA GLN A 745 -13.41 8.46 -33.08
C GLN A 745 -12.15 7.66 -33.35
N ARG A 746 -10.99 8.11 -32.87
CA ARG A 746 -9.77 7.33 -33.07
C ARG A 746 -9.81 6.05 -32.25
N ALA A 747 -10.33 6.12 -31.03
CA ALA A 747 -10.43 4.92 -30.19
C ALA A 747 -11.42 3.93 -30.77
N GLU A 748 -12.53 4.41 -31.31
CA GLU A 748 -13.49 3.52 -31.95
C GLU A 748 -12.86 2.81 -33.14
N GLY A 749 -12.07 3.54 -33.94
CA GLY A 749 -11.46 2.89 -35.09
C GLY A 749 -10.47 1.82 -34.69
N TYR A 750 -9.62 2.12 -33.71
CA TYR A 750 -8.71 1.11 -33.19
C TYR A 750 -9.46 -0.07 -32.59
N PHE A 751 -10.56 0.19 -31.87
CA PHE A 751 -11.25 -0.94 -31.26
C PHE A 751 -11.89 -1.82 -32.33
N ARG A 752 -12.49 -1.19 -33.34
CA ARG A 752 -13.09 -1.96 -34.41
C ARG A 752 -12.05 -2.82 -35.13
N LYS A 753 -10.86 -2.27 -35.36
CA LYS A 753 -9.81 -3.05 -36.00
C LYS A 753 -9.32 -4.16 -35.08
N TRP A 754 -9.19 -3.87 -33.79
CA TRP A 754 -8.77 -4.90 -32.86
C TRP A 754 -9.75 -6.06 -32.85
N LYS A 755 -11.05 -5.76 -32.84
CA LYS A 755 -12.07 -6.81 -32.88
C LYS A 755 -12.04 -7.55 -34.20
N GLU A 756 -11.86 -6.83 -35.33
CA GLU A 756 -11.84 -7.50 -36.63
C GLU A 756 -10.65 -8.42 -36.77
N SER A 757 -9.54 -8.08 -36.11
CA SER A 757 -8.35 -8.93 -36.02
C SER A 757 -8.56 -10.13 -35.12
N ASN A 758 -9.74 -10.30 -34.52
CA ASN A 758 -9.98 -11.31 -33.51
C ASN A 758 -9.04 -11.15 -32.32
N GLY A 759 -8.71 -9.91 -31.98
CA GLY A 759 -7.82 -9.67 -30.86
C GLY A 759 -6.36 -9.95 -31.11
N ASN A 760 -5.98 -10.22 -32.36
CA ASN A 760 -4.59 -10.50 -32.71
C ASN A 760 -3.78 -9.23 -32.95
N LEU A 761 -4.44 -8.10 -33.16
CA LEU A 761 -3.75 -6.85 -33.44
C LEU A 761 -3.00 -6.35 -32.23
N SER A 762 -1.75 -5.92 -32.44
CA SER A 762 -0.98 -5.30 -31.37
C SER A 762 -1.29 -3.81 -31.35
N LEU A 763 -2.06 -3.37 -30.34
CA LEU A 763 -2.33 -1.95 -30.13
C LEU A 763 -1.15 -1.32 -29.39
N PRO A 764 -0.91 -0.02 -29.60
CA PRO A 764 0.00 0.68 -28.68
C PRO A 764 -0.52 0.51 -27.26
N VAL A 765 0.36 0.10 -26.35
CA VAL A 765 -0.11 -0.14 -24.99
C VAL A 765 -0.68 1.13 -24.39
N ASP A 766 -0.10 2.29 -24.76
CA ASP A 766 -0.47 3.57 -24.13
C ASP A 766 -1.86 4.04 -24.53
N VAL A 767 -2.41 3.54 -25.65
CA VAL A 767 -3.77 3.90 -26.02
C VAL A 767 -4.77 2.82 -25.66
N THR A 768 -4.32 1.67 -25.11
CA THR A 768 -5.23 0.54 -24.99
C THR A 768 -6.31 0.76 -23.93
N LEU A 769 -6.00 1.49 -22.86
CA LEU A 769 -7.06 1.79 -21.88
C LEU A 769 -8.20 2.56 -22.53
N ALA A 770 -7.88 3.63 -23.24
CA ALA A 770 -8.88 4.41 -23.94
C ALA A 770 -9.63 3.57 -24.97
N VAL A 771 -8.89 2.78 -25.75
CA VAL A 771 -9.54 1.99 -26.81
C VAL A 771 -10.49 0.96 -26.21
N PHE A 772 -10.05 0.23 -25.19
CA PHE A 772 -10.93 -0.76 -24.57
C PHE A 772 -12.11 -0.06 -23.88
N ALA A 773 -11.85 1.07 -23.21
CA ALA A 773 -12.94 1.74 -22.49
C ALA A 773 -14.03 2.19 -23.45
N VAL A 774 -13.65 2.66 -24.65
CA VAL A 774 -14.67 3.05 -25.62
C VAL A 774 -15.35 1.82 -26.19
N GLY A 775 -14.58 0.78 -26.50
CA GLY A 775 -15.16 -0.41 -27.10
C GLY A 775 -16.19 -1.07 -26.20
N ALA A 776 -15.98 -1.01 -24.89
CA ALA A 776 -16.85 -1.70 -23.95
C ALA A 776 -18.22 -1.04 -23.81
N GLN A 777 -18.45 0.09 -24.47
CA GLN A 777 -19.71 0.82 -24.33
C GLN A 777 -20.87 0.20 -25.10
N SER A 778 -20.59 -0.73 -26.03
CA SER A 778 -21.64 -1.46 -26.72
C SER A 778 -21.66 -2.91 -26.24
N THR A 779 -22.81 -3.57 -26.43
CA THR A 779 -22.91 -4.94 -25.95
C THR A 779 -21.94 -5.85 -26.67
N GLU A 780 -21.83 -5.75 -27.99
CA GLU A 780 -20.95 -6.65 -28.71
C GLU A 780 -19.48 -6.38 -28.36
N GLY A 781 -19.11 -5.12 -28.15
CA GLY A 781 -17.74 -4.81 -27.77
C GLY A 781 -17.41 -5.31 -26.37
N TRP A 782 -18.35 -5.11 -25.44
CA TRP A 782 -18.17 -5.63 -24.08
C TRP A 782 -18.02 -7.13 -24.09
N ASP A 783 -18.92 -7.83 -24.80
CA ASP A 783 -18.86 -9.29 -24.83
C ASP A 783 -17.56 -9.77 -25.47
N PHE A 784 -17.10 -9.08 -26.51
CA PHE A 784 -15.85 -9.49 -27.14
C PHE A 784 -14.67 -9.30 -26.21
N LEU A 785 -14.61 -8.16 -25.49
CA LEU A 785 -13.54 -7.96 -24.52
C LEU A 785 -13.51 -9.06 -23.49
N TYR A 786 -14.66 -9.36 -22.89
CA TYR A 786 -14.69 -10.43 -21.92
C TYR A 786 -14.23 -11.75 -22.53
N SER A 787 -14.62 -12.01 -23.78
CA SER A 787 -14.24 -13.28 -24.41
C SER A 787 -12.73 -13.43 -24.51
N LYS A 788 -12.00 -12.32 -24.63
CA LYS A 788 -10.55 -12.38 -24.73
C LYS A 788 -9.85 -12.47 -23.38
N TYR A 789 -10.52 -12.03 -22.33
CA TYR A 789 -9.94 -12.02 -20.99
C TYR A 789 -9.53 -13.43 -20.55
N GLN A 790 -10.39 -14.41 -20.82
CA GLN A 790 -10.13 -15.82 -20.50
C GLN A 790 -8.69 -16.24 -20.73
N PHE A 791 -8.15 -15.90 -21.91
CA PHE A 791 -6.93 -16.50 -22.39
C PHE A 791 -5.70 -15.63 -22.18
N SER A 792 -5.88 -14.41 -21.69
CA SER A 792 -4.75 -13.51 -21.56
C SER A 792 -3.80 -13.98 -20.46
N LEU A 793 -2.51 -13.87 -20.72
CA LEU A 793 -1.48 -14.14 -19.74
C LEU A 793 -0.84 -12.86 -19.23
N SER A 794 -1.35 -11.69 -19.66
CA SER A 794 -0.73 -10.39 -19.38
C SER A 794 -1.49 -9.70 -18.24
N SER A 795 -0.79 -9.40 -17.13
CA SER A 795 -1.49 -8.72 -16.04
C SER A 795 -1.98 -7.33 -16.45
N THR A 796 -1.19 -6.60 -17.23
CA THR A 796 -1.65 -5.30 -17.73
C THR A 796 -2.90 -5.44 -18.59
N GLU A 797 -2.89 -6.37 -19.53
CA GLU A 797 -4.06 -6.53 -20.38
C GLU A 797 -5.29 -6.92 -19.56
N LYS A 798 -5.12 -7.81 -18.59
CA LYS A 798 -6.26 -8.19 -17.77
C LYS A 798 -6.77 -6.99 -16.97
N SER A 799 -5.86 -6.17 -16.43
CA SER A 799 -6.30 -4.97 -15.72
C SER A 799 -7.01 -3.99 -16.64
N GLN A 800 -6.53 -3.87 -17.89
CA GLN A 800 -7.14 -2.93 -18.81
C GLN A 800 -8.53 -3.39 -19.20
N ILE A 801 -8.71 -4.70 -19.39
CA ILE A 801 -10.03 -5.23 -19.73
C ILE A 801 -10.98 -5.08 -18.55
N GLU A 802 -10.51 -5.39 -17.34
CA GLU A 802 -11.36 -5.20 -16.16
C GLU A 802 -11.82 -3.75 -16.06
N PHE A 803 -10.89 -2.80 -16.22
CA PHE A 803 -11.27 -1.40 -16.16
C PHE A 803 -12.33 -1.06 -17.19
N ALA A 804 -12.12 -1.47 -18.45
CA ALA A 804 -13.08 -1.21 -19.51
C ALA A 804 -14.45 -1.81 -19.20
N LEU A 805 -14.49 -3.09 -18.78
CA LEU A 805 -15.79 -3.73 -18.55
C LEU A 805 -16.58 -3.00 -17.46
N CYS A 806 -15.88 -2.46 -16.45
CA CYS A 806 -16.54 -1.75 -15.36
C CYS A 806 -17.05 -0.37 -15.78
N ARG A 807 -16.74 0.08 -16.99
CA ARG A 807 -17.18 1.39 -17.47
C ARG A 807 -18.52 1.33 -18.22
N THR A 808 -19.07 0.14 -18.45
CA THR A 808 -20.32 0.04 -19.20
C THR A 808 -21.44 0.73 -18.44
N GLN A 809 -22.43 1.26 -19.18
CA GLN A 809 -23.65 1.77 -18.54
C GLN A 809 -24.77 0.75 -18.50
N ASN A 810 -24.51 -0.48 -18.91
CA ASN A 810 -25.49 -1.56 -18.87
C ASN A 810 -25.49 -2.13 -17.46
N LYS A 811 -26.56 -1.90 -16.71
CA LYS A 811 -26.55 -2.28 -15.30
C LYS A 811 -26.55 -3.79 -15.10
N GLU A 812 -27.15 -4.56 -16.01
CA GLU A 812 -27.10 -5.99 -15.80
C GLU A 812 -25.69 -6.53 -16.03
N LYS A 813 -24.91 -5.90 -16.90
CA LYS A 813 -23.53 -6.33 -17.07
C LYS A 813 -22.69 -5.98 -15.85
N LEU A 814 -22.97 -4.82 -15.24
CA LEU A 814 -22.28 -4.45 -14.01
C LEU A 814 -22.57 -5.44 -12.88
N GLN A 815 -23.84 -5.84 -12.73
CA GLN A 815 -24.19 -6.83 -11.71
C GLN A 815 -23.45 -8.15 -11.95
N TRP A 816 -23.34 -8.55 -13.22
CA TRP A 816 -22.62 -9.78 -13.56
C TRP A 816 -21.17 -9.73 -13.11
N LEU A 817 -20.51 -8.60 -13.33
CA LEU A 817 -19.11 -8.46 -12.92
C LEU A 817 -18.95 -8.62 -11.41
N LEU A 818 -19.88 -8.03 -10.66
CA LEU A 818 -19.80 -8.17 -9.21
C LEU A 818 -19.98 -9.64 -8.81
N ASP A 819 -20.98 -10.29 -9.38
CA ASP A 819 -21.26 -11.69 -9.06
C ASP A 819 -20.08 -12.60 -9.41
N GLU A 820 -19.51 -12.42 -10.60
CA GLU A 820 -18.49 -13.36 -11.08
C GLU A 820 -17.18 -13.19 -10.34
N SER A 821 -16.74 -11.96 -10.09
CA SER A 821 -15.50 -11.77 -9.35
CA SER A 821 -15.50 -11.77 -9.35
C SER A 821 -15.69 -12.12 -7.88
N PHE A 822 -16.89 -11.92 -7.35
CA PHE A 822 -17.18 -12.40 -6.00
C PHE A 822 -17.05 -13.93 -5.95
N LYS A 823 -17.48 -14.60 -7.00
CA LYS A 823 -17.39 -16.06 -7.07
C LYS A 823 -15.96 -16.53 -7.25
N GLY A 824 -15.17 -15.79 -8.04
CA GLY A 824 -13.76 -16.05 -8.20
C GLY A 824 -13.37 -17.03 -9.28
N ASP A 825 -14.31 -17.47 -10.11
CA ASP A 825 -14.02 -18.52 -11.09
CA ASP A 825 -14.03 -18.51 -11.09
C ASP A 825 -13.60 -17.94 -12.44
N LYS A 826 -14.37 -17.00 -12.99
CA LYS A 826 -14.02 -16.38 -14.25
C LYS A 826 -13.15 -15.14 -14.07
N ILE A 827 -13.29 -14.46 -12.94
CA ILE A 827 -12.42 -13.36 -12.55
C ILE A 827 -12.01 -13.62 -11.11
N LYS A 828 -10.71 -13.55 -10.84
CA LYS A 828 -10.22 -13.96 -9.53
C LYS A 828 -10.70 -13.01 -8.45
N THR A 829 -11.00 -13.56 -7.28
CA THR A 829 -11.47 -12.74 -6.17
C THR A 829 -10.44 -11.69 -5.76
N GLN A 830 -9.15 -11.90 -6.07
CA GLN A 830 -8.16 -10.87 -5.74
C GLN A 830 -8.42 -9.56 -6.48
N GLU A 831 -9.20 -9.60 -7.56
CA GLU A 831 -9.59 -8.38 -8.28
C GLU A 831 -10.87 -7.76 -7.77
N PHE A 832 -11.60 -8.45 -6.88
CA PHE A 832 -12.92 -7.94 -6.50
C PHE A 832 -12.89 -6.57 -5.85
N PRO A 833 -11.97 -6.25 -4.92
CA PRO A 833 -12.00 -4.89 -4.35
C PRO A 833 -11.88 -3.82 -5.41
N GLN A 834 -11.00 -4.02 -6.39
CA GLN A 834 -10.85 -3.05 -7.46
C GLN A 834 -12.11 -2.96 -8.33
N ILE A 835 -12.69 -4.12 -8.67
CA ILE A 835 -13.90 -4.10 -9.49
C ILE A 835 -15.04 -3.42 -8.75
N LEU A 836 -15.20 -3.72 -7.47
CA LEU A 836 -16.27 -3.06 -6.71
C LEU A 836 -16.07 -1.55 -6.71
N THR A 837 -14.82 -1.08 -6.52
CA THR A 837 -14.59 0.35 -6.47
C THR A 837 -14.80 0.98 -7.85
N LEU A 838 -14.39 0.31 -8.91
CA LEU A 838 -14.57 0.89 -10.23
C LEU A 838 -16.05 1.02 -10.57
N ILE A 839 -16.86 0.04 -10.19
CA ILE A 839 -18.30 0.16 -10.40
C ILE A 839 -18.89 1.20 -9.46
N GLY A 840 -18.38 1.27 -8.23
CA GLY A 840 -18.77 2.34 -7.34
C GLY A 840 -18.50 3.72 -7.89
N ARG A 841 -17.47 3.86 -8.73
CA ARG A 841 -17.14 5.13 -9.35
C ARG A 841 -17.89 5.34 -10.66
N ASN A 842 -18.58 4.32 -11.13
CA ASN A 842 -19.33 4.37 -12.39
C ASN A 842 -20.59 5.21 -12.19
N PRO A 843 -20.85 6.19 -13.05
CA PRO A 843 -22.01 7.09 -12.81
C PRO A 843 -23.34 6.39 -12.78
N VAL A 844 -23.48 5.19 -13.36
CA VAL A 844 -24.71 4.42 -13.21
C VAL A 844 -24.53 3.20 -12.34
N GLY A 845 -23.31 2.85 -11.94
CA GLY A 845 -23.13 1.64 -11.18
C GLY A 845 -23.08 1.86 -9.69
N TYR A 846 -22.92 3.11 -9.24
CA TYR A 846 -22.64 3.31 -7.83
C TYR A 846 -23.75 2.80 -6.92
N PRO A 847 -25.05 2.88 -7.26
CA PRO A 847 -26.05 2.24 -6.39
C PRO A 847 -25.85 0.74 -6.28
N LEU A 848 -25.51 0.09 -7.39
CA LEU A 848 -25.32 -1.35 -7.41
C LEU A 848 -24.17 -1.77 -6.50
N ALA A 849 -23.06 -1.01 -6.53
CA ALA A 849 -21.88 -1.42 -5.78
C ALA A 849 -22.12 -1.28 -4.29
N TRP A 850 -22.71 -0.16 -3.88
CA TRP A 850 -23.08 0.04 -2.48
C TRP A 850 -24.07 -1.04 -2.01
N GLN A 851 -25.10 -1.34 -2.82
CA GLN A 851 -26.01 -2.43 -2.46
C GLN A 851 -25.27 -3.75 -2.32
N PHE A 852 -24.35 -4.04 -3.25
CA PHE A 852 -23.65 -5.32 -3.22
C PHE A 852 -22.80 -5.45 -1.97
N LEU A 853 -22.13 -4.37 -1.57
CA LEU A 853 -21.30 -4.42 -0.37
C LEU A 853 -22.14 -4.71 0.86
N ARG A 854 -23.31 -4.06 0.98
CA ARG A 854 -24.16 -4.31 2.14
C ARG A 854 -24.65 -5.75 2.16
N LYS A 855 -25.11 -6.24 1.00
CA LYS A 855 -25.71 -7.57 0.96
C LYS A 855 -24.69 -8.67 1.21
N ASN A 856 -23.44 -8.47 0.77
CA ASN A 856 -22.46 -9.55 0.81
C ASN A 856 -21.37 -9.28 1.84
N TRP A 857 -21.64 -8.37 2.76
CA TRP A 857 -20.65 -7.95 3.75
C TRP A 857 -20.00 -9.14 4.45
N ASN A 858 -20.80 -10.04 5.02
CA ASN A 858 -20.23 -11.09 5.87
C ASN A 858 -19.25 -11.95 5.10
N LYS A 859 -19.61 -12.35 3.88
CA LYS A 859 -18.66 -13.15 3.12
C LYS A 859 -17.43 -12.35 2.72
N LEU A 860 -17.59 -11.07 2.41
CA LEU A 860 -16.43 -10.26 2.05
C LEU A 860 -15.48 -10.11 3.23
N VAL A 861 -16.04 -9.92 4.43
CA VAL A 861 -15.20 -9.84 5.63
C VAL A 861 -14.49 -11.17 5.87
N GLN A 862 -15.21 -12.28 5.71
CA GLN A 862 -14.61 -13.60 5.88
C GLN A 862 -13.42 -13.78 4.94
N LYS A 863 -13.56 -13.35 3.69
CA LYS A 863 -12.49 -13.52 2.71
C LYS A 863 -11.32 -12.57 2.97
N PHE A 864 -11.60 -11.31 3.30
CA PHE A 864 -10.57 -10.28 3.26
C PHE A 864 -10.14 -9.79 4.64
N GLU A 865 -11.00 -9.94 5.65
CA GLU A 865 -10.69 -9.63 7.06
C GLU A 865 -10.98 -8.19 7.43
N LEU A 866 -11.59 -8.01 8.59
CA LEU A 866 -11.78 -6.67 9.13
C LEU A 866 -10.42 -5.99 9.33
N GLY A 867 -10.36 -4.71 8.97
CA GLY A 867 -9.14 -3.93 9.13
C GLY A 867 -8.21 -3.99 7.94
N SER A 868 -8.41 -4.95 7.04
CA SER A 868 -7.58 -5.03 5.83
C SER A 868 -7.80 -3.79 4.97
N SER A 869 -6.76 -3.41 4.23
CA SER A 869 -6.98 -2.32 3.29
CA SER A 869 -6.98 -2.32 3.29
C SER A 869 -7.95 -2.73 2.19
N SER A 870 -8.09 -4.04 1.91
CA SER A 870 -9.10 -4.49 0.96
C SER A 870 -10.48 -4.01 1.37
N ILE A 871 -10.84 -4.29 2.63
CA ILE A 871 -12.15 -3.85 3.12
C ILE A 871 -12.23 -2.33 3.13
N ALA A 872 -11.15 -1.65 3.58
CA ALA A 872 -11.17 -0.19 3.58
C ALA A 872 -11.39 0.36 2.18
N HIS A 873 -10.75 -0.23 1.18
CA HIS A 873 -10.95 0.18 -0.21
C HIS A 873 -12.41 -0.01 -0.63
N MET A 874 -13.01 -1.14 -0.27
CA MET A 874 -14.40 -1.39 -0.64
CA MET A 874 -14.39 -1.35 -0.69
C MET A 874 -15.33 -0.38 0.01
N VAL A 875 -15.09 -0.12 1.30
CA VAL A 875 -15.94 0.82 2.03
C VAL A 875 -15.82 2.22 1.43
N MET A 876 -14.59 2.73 1.30
CA MET A 876 -14.43 4.08 0.78
C MET A 876 -14.84 4.14 -0.69
N GLY A 877 -14.56 3.07 -1.43
CA GLY A 877 -14.80 3.10 -2.87
C GLY A 877 -16.28 3.08 -3.24
N THR A 878 -17.15 2.67 -2.31
CA THR A 878 -18.57 2.62 -2.61
C THR A 878 -19.33 3.77 -1.95
N THR A 879 -18.70 4.50 -1.03
CA THR A 879 -19.45 5.48 -0.27
C THR A 879 -18.85 6.88 -0.22
N ASN A 880 -17.53 7.06 -0.45
CA ASN A 880 -16.94 8.34 -0.05
C ASN A 880 -17.12 9.44 -1.08
N GLN A 881 -17.92 9.19 -2.13
CA GLN A 881 -18.32 10.25 -3.04
C GLN A 881 -19.78 10.63 -2.90
N PHE A 882 -20.45 10.18 -1.84
CA PHE A 882 -21.79 10.64 -1.50
C PHE A 882 -21.73 12.04 -0.87
N SER A 883 -22.81 12.81 -1.06
CA SER A 883 -22.80 14.19 -0.60
C SER A 883 -24.19 14.66 -0.18
N THR A 884 -25.06 13.75 0.27
CA THR A 884 -26.36 14.13 0.78
C THR A 884 -26.60 13.51 2.14
N ARG A 885 -27.47 14.17 2.91
CA ARG A 885 -27.83 13.68 4.23
C ARG A 885 -28.49 12.30 4.17
N THR A 886 -29.26 12.02 3.12
CA THR A 886 -29.87 10.69 3.03
C THR A 886 -28.81 9.61 2.81
N ARG A 887 -27.83 9.88 1.95
CA ARG A 887 -26.75 8.91 1.77
C ARG A 887 -25.94 8.76 3.05
N LEU A 888 -25.69 9.86 3.75
CA LEU A 888 -24.95 9.79 5.00
C LEU A 888 -25.65 8.86 5.99
N GLU A 889 -26.97 8.98 6.10
CA GLU A 889 -27.73 8.14 7.02
C GLU A 889 -27.69 6.67 6.60
N GLU A 890 -27.76 6.39 5.29
CA GLU A 890 -27.57 5.02 4.83
C GLU A 890 -26.25 4.45 5.36
N VAL A 891 -25.17 5.22 5.21
CA VAL A 891 -23.85 4.75 5.61
C VAL A 891 -23.78 4.58 7.11
N LYS A 892 -24.17 5.61 7.86
CA LYS A 892 -24.16 5.47 9.31
C LYS A 892 -25.06 4.32 9.77
N GLY A 893 -26.25 4.20 9.18
CA GLY A 893 -27.18 3.18 9.63
C GLY A 893 -26.66 1.78 9.36
N PHE A 894 -26.10 1.55 8.17
CA PHE A 894 -25.63 0.22 7.84
C PHE A 894 -24.47 -0.19 8.74
N PHE A 895 -23.42 0.63 8.81
CA PHE A 895 -22.24 0.18 9.52
C PHE A 895 -22.50 0.09 11.02
N SER A 896 -23.37 0.95 11.56
CA SER A 896 -23.77 0.82 12.96
CA SER A 896 -23.74 0.81 12.96
C SER A 896 -24.41 -0.54 13.25
N SER A 897 -25.15 -1.08 12.27
CA SER A 897 -25.86 -2.34 12.52
C SER A 897 -24.93 -3.55 12.63
N LEU A 898 -23.66 -3.40 12.26
CA LEU A 898 -22.74 -4.53 12.20
C LEU A 898 -22.20 -4.93 13.56
N LYS A 899 -22.31 -4.07 14.57
CA LYS A 899 -21.86 -4.41 15.94
C LYS A 899 -20.38 -4.78 15.86
N GLU A 900 -19.98 -5.96 16.34
CA GLU A 900 -18.58 -6.35 16.41
C GLU A 900 -18.01 -6.78 15.06
N ASN A 901 -18.83 -6.86 14.01
CA ASN A 901 -18.35 -7.23 12.69
C ASN A 901 -18.27 -6.05 11.73
N GLY A 902 -17.84 -4.89 12.23
CA GLY A 902 -17.54 -3.80 11.30
C GLY A 902 -17.84 -2.41 11.81
N SER A 903 -18.66 -2.29 12.85
CA SER A 903 -19.15 -0.98 13.25
C SER A 903 -18.02 -0.05 13.69
N GLN A 904 -16.91 -0.61 14.19
CA GLN A 904 -15.82 0.22 14.69
C GLN A 904 -14.65 0.36 13.70
N LEU A 905 -14.84 -0.01 12.44
CA LEU A 905 -13.75 0.11 11.48
C LEU A 905 -13.31 1.56 11.32
N ARG A 906 -11.99 1.78 11.24
CA ARG A 906 -11.55 3.15 11.04
C ARG A 906 -11.95 3.66 9.66
N CYS A 907 -11.94 2.80 8.65
CA CYS A 907 -12.36 3.26 7.33
C CYS A 907 -13.80 3.75 7.32
N VAL A 908 -14.65 3.16 8.18
CA VAL A 908 -16.03 3.61 8.30
C VAL A 908 -16.08 5.02 8.90
N GLN A 909 -15.30 5.29 9.94
CA GLN A 909 -15.27 6.65 10.46
C GLN A 909 -14.75 7.62 9.42
N GLN A 910 -13.78 7.19 8.63
CA GLN A 910 -13.19 8.07 7.63
C GLN A 910 -14.17 8.38 6.51
N THR A 911 -14.92 7.38 6.05
CA THR A 911 -15.87 7.61 4.98
CA THR A 911 -15.86 7.64 4.97
C THR A 911 -17.02 8.50 5.45
N ILE A 912 -17.47 8.30 6.69
CA ILE A 912 -18.53 9.14 7.24
C ILE A 912 -18.08 10.58 7.32
N GLU A 913 -16.86 10.81 7.84
CA GLU A 913 -16.34 12.17 7.90
C GLU A 913 -16.19 12.77 6.50
N THR A 914 -15.74 11.96 5.52
CA THR A 914 -15.63 12.43 4.15
C THR A 914 -16.99 12.82 3.59
N ILE A 915 -18.03 12.01 3.84
CA ILE A 915 -19.37 12.37 3.36
C ILE A 915 -19.85 13.65 4.02
N GLU A 916 -19.58 13.79 5.32
CA GLU A 916 -19.97 15.02 6.02
C GLU A 916 -19.29 16.24 5.41
N GLU A 917 -18.02 16.13 5.04
CA GLU A 917 -17.32 17.23 4.40
C GLU A 917 -17.85 17.47 2.99
N ASN A 918 -18.15 16.38 2.25
CA ASN A 918 -18.72 16.53 0.92
C ASN A 918 -20.04 17.30 0.95
N ILE A 919 -20.89 17.00 1.94
CA ILE A 919 -22.16 17.70 2.08
C ILE A 919 -21.93 19.19 2.28
N GLY A 920 -21.08 19.53 3.25
CA GLY A 920 -20.78 20.93 3.50
C GLY A 920 -20.15 21.60 2.30
N TRP A 921 -19.21 20.89 1.64
CA TRP A 921 -18.51 21.49 0.50
C TRP A 921 -19.45 21.76 -0.65
N MET A 922 -20.30 20.78 -0.97
CA MET A 922 -21.26 20.98 -2.05
C MET A 922 -22.29 22.03 -1.70
N ASP A 923 -22.81 22.01 -0.46
CA ASP A 923 -23.78 23.04 -0.10
C ASP A 923 -23.21 24.43 -0.28
N LYS A 924 -21.93 24.62 0.06
CA LYS A 924 -21.32 25.93 -0.01
C LYS A 924 -20.89 26.30 -1.42
N ASN A 925 -20.38 25.35 -2.20
CA ASN A 925 -19.65 25.68 -3.42
C ASN A 925 -20.38 25.33 -4.71
N PHE A 926 -21.45 24.53 -4.68
CA PHE A 926 -22.04 24.12 -5.96
C PHE A 926 -22.52 25.31 -6.78
N ASP A 927 -23.33 26.19 -6.18
CA ASP A 927 -23.79 27.35 -6.94
C ASP A 927 -22.64 28.28 -7.32
N LYS A 928 -21.63 28.41 -6.46
CA LYS A 928 -20.46 29.21 -6.84
C LYS A 928 -19.79 28.66 -8.09
N ILE A 929 -19.69 27.33 -8.17
CA ILE A 929 -19.07 26.70 -9.34
C ILE A 929 -19.93 26.92 -10.57
N ARG A 930 -21.25 26.74 -10.43
CA ARG A 930 -22.18 26.95 -11.53
C ARG A 930 -22.01 28.35 -12.12
N VAL A 931 -21.96 29.36 -11.25
CA VAL A 931 -21.81 30.74 -11.73
C VAL A 931 -20.45 30.94 -12.37
N TRP A 932 -19.40 30.38 -11.74
CA TRP A 932 -18.06 30.52 -12.29
C TRP A 932 -17.97 29.91 -13.68
N LEU A 933 -18.61 28.76 -13.88
CA LEU A 933 -18.61 28.13 -15.21
C LEU A 933 -19.32 29.02 -16.22
N GLN A 934 -20.37 29.71 -15.79
CA GLN A 934 -21.10 30.60 -16.69
C GLN A 934 -20.26 31.79 -17.11
N SER A 935 -19.30 32.19 -16.28
CA SER A 935 -18.46 33.36 -16.59
C SER A 935 -17.52 33.11 -17.76
N GLU A 936 -17.43 31.86 -18.23
CA GLU A 936 -16.59 31.41 -19.34
C GLU A 936 -15.29 32.20 -19.52
N LYS A 937 -14.64 32.55 -18.41
CA LYS A 937 -13.30 33.13 -18.44
C LYS A 937 -12.27 32.26 -19.18
N LEU A 938 -12.60 31.03 -19.56
CA LEU A 938 -11.69 30.23 -20.39
C LEU A 938 -12.13 30.27 -21.85
N LYS B 2 1.06 -1.92 0.15
CA LYS B 2 -0.32 -1.46 0.07
C LYS B 2 -0.71 -0.98 -1.31
N HIS B 3 0.25 -0.38 -2.02
CA HIS B 3 -0.05 0.40 -3.20
C HIS B 3 0.16 -0.51 -4.41
N HIS B 4 -0.92 -1.15 -4.78
CA HIS B 4 -0.94 -2.07 -5.89
C HIS B 4 -2.18 -1.73 -6.70
N ALA B 5 -2.07 -0.69 -7.54
CA ALA B 5 -3.07 -0.45 -8.56
C ALA B 5 -2.45 0.02 -9.88
N PHE B 6 -1.12 -0.10 -10.04
CA PHE B 6 -0.43 0.47 -11.20
C PHE B 6 -0.58 -0.35 -12.48
N SER B 7 -1.11 -1.58 -12.40
CA SER B 7 -1.38 -2.35 -13.61
C SER B 7 -2.45 -1.68 -14.46
N PHE B 8 -3.35 -0.93 -13.82
CA PHE B 8 -4.49 -0.36 -14.50
C PHE B 8 -4.08 0.84 -15.35
N LYS B 9 -2.98 0.71 -16.09
CA LYS B 9 -2.60 1.63 -17.16
C LYS B 9 -2.65 0.88 -18.50
#